data_4YWB
#
_entry.id   4YWB
#
_cell.length_a   64.124
_cell.length_b   118.732
_cell.length_c   86.393
_cell.angle_alpha   90.00
_cell.angle_beta   107.27
_cell.angle_gamma   90.00
#
_symmetry.space_group_name_H-M   'P 1 21 1'
#
loop_
_entity.id
_entity.type
_entity.pdbx_description
1 polymer 'Phosphoenolpyruvate carboxykinase, cytosolic [GTP]'
2 non-polymer 'MANGANESE (II) ION'
3 non-polymer 'SODIUM ION'
4 non-polymer 'OXALIC ACID'
5 non-polymer '3-sulfanylpyridine-2-carboxylic acid'
6 non-polymer 'CHLORIDE ION'
7 water water
#
_entity_poly.entity_id   1
_entity_poly.type   'polypeptide(L)'
_entity_poly.pdbx_seq_one_letter_code
;MPPQLHNGLDFSAKVIQGSLDSLPQEVRKFVEGNAQLCQPEYIHICDGSEEEYGRLLAHMQEEGVIRKLKKYDNCWLALT
DPRDVARIESKTVIITQEQRDTVPIPKSGQSQLGRWMSEEDFEKAFNARFPGCMKGRTMYVIPFSMGPLGSPLAKIGIEL
TDSPYVVASMRIMTRMGTSVLEALGDGEFIKCLHSVGCPLPLKKPLVNNWACNPELTLIAHLPDRREIISFGSGYGGNSL
LGKKCFALRIASRLAKEEGWLAEHMLILGITNPEGKKKYLAAAFPSACGKTNLAMMNPTLPGWKVECVGDDIAWMKFDAQ
GNLRAINPENGFFGVAPGTSVKTNPNAIKTIQKNTIFTNVAETSDGGVYWEGIDEPLAPGVTITSWKNKEWRPQDEEPCA
HPNSRFCTPASQCPIIDPAWESPEGVPIEGIIFGGRRPAGVPLVYEALSWQHGVFVGAAMRSEATAAAEHKGKVIMHDPF
AMRPFFGYNFGKYLAHWLSMAHRPAAKLPKIFHVNWFRKDKNGKFLWPGFGENSRVLEWMFGRIEGEDSAKLTPIGYVPK
EDALNLKGLGDVNVEELFGISKEFWEKEVEEIDKYLEDQVNADLPYEIERELRALKQRISQM
;
_entity_poly.pdbx_strand_id   A,C
#
loop_
_chem_comp.id
_chem_comp.type
_chem_comp.name
_chem_comp.formula
1WD non-polymer '3-sulfanylpyridine-2-carboxylic acid' 'C6 H5 N O2 S'
CL non-polymer 'CHLORIDE ION' 'Cl -1'
MN non-polymer 'MANGANESE (II) ION' 'Mn 2'
NA non-polymer 'SODIUM ION' 'Na 1'
OXD non-polymer 'OXALIC ACID' 'C2 H2 O4'
#
# COMPACT_ATOMS: atom_id res chain seq x y z
C PRO A 3 -13.44 -33.52 38.07
N GLN A 4 -13.52 -34.82 38.34
CA GLN A 4 -14.15 -35.80 37.43
C GLN A 4 -14.12 -37.23 38.00
N LEU A 5 -15.13 -38.01 37.65
CA LEU A 5 -15.31 -39.33 38.24
C LEU A 5 -14.74 -40.41 37.33
N HIS A 6 -14.57 -40.07 36.04
CA HIS A 6 -13.90 -40.96 35.05
C HIS A 6 -12.84 -40.14 34.33
N ASN A 7 -13.00 -39.92 33.02
CA ASN A 7 -12.13 -39.02 32.26
C ASN A 7 -12.73 -37.63 32.01
N GLY A 8 -13.86 -37.32 32.66
CA GLY A 8 -14.58 -36.08 32.38
C GLY A 8 -14.96 -35.95 30.91
N LEU A 9 -14.97 -34.71 30.43
CA LEU A 9 -15.19 -34.47 29.01
C LEU A 9 -13.90 -33.83 28.50
N ASP A 10 -12.78 -34.49 28.85
CA ASP A 10 -11.44 -33.99 28.55
C ASP A 10 -10.94 -34.76 27.34
N PHE A 11 -10.68 -34.05 26.25
CA PHE A 11 -10.27 -34.70 25.02
C PHE A 11 -8.78 -34.54 24.79
N SER A 12 -8.04 -34.14 25.81
CA SER A 12 -6.58 -33.95 25.72
C SER A 12 -5.81 -35.11 25.08
N ALA A 13 -6.28 -36.34 25.35
CA ALA A 13 -5.57 -37.54 24.85
C ALA A 13 -5.63 -37.66 23.34
N LYS A 14 -6.62 -37.00 22.73
CA LYS A 14 -6.85 -37.09 21.31
CA LYS A 14 -6.86 -37.09 21.30
C LYS A 14 -6.26 -35.93 20.50
N VAL A 15 -5.58 -35.01 21.15
CA VAL A 15 -5.00 -33.83 20.48
C VAL A 15 -3.72 -34.19 19.79
N ILE A 16 -3.63 -33.97 18.48
CA ILE A 16 -2.48 -34.34 17.68
C ILE A 16 -1.64 -33.16 17.17
N GLN A 17 -2.16 -31.96 17.42
CA GLN A 17 -1.38 -30.76 17.25
C GLN A 17 -1.99 -29.70 18.12
N GLY A 18 -1.09 -28.99 18.81
CA GLY A 18 -1.48 -27.95 19.71
C GLY A 18 -1.77 -28.51 21.10
N SER A 19 -2.44 -27.70 21.90
CA SER A 19 -2.76 -28.06 23.25
C SER A 19 -4.10 -27.44 23.63
N LEU A 20 -5.02 -28.24 24.14
CA LEU A 20 -6.26 -27.66 24.68
C LEU A 20 -6.01 -26.64 25.80
N ASP A 21 -4.95 -26.91 26.59
CA ASP A 21 -4.62 -26.04 27.70
C ASP A 21 -4.18 -24.63 27.27
N SER A 22 -3.66 -24.48 26.05
CA SER A 22 -3.21 -23.19 25.61
C SER A 22 -4.32 -22.37 24.91
N LEU A 23 -5.49 -23.00 24.70
CA LEU A 23 -6.59 -22.28 24.11
C LEU A 23 -7.21 -21.30 25.07
N PRO A 24 -7.72 -20.17 24.55
CA PRO A 24 -8.62 -19.38 25.39
C PRO A 24 -9.74 -20.26 25.94
N GLN A 25 -10.17 -19.96 27.16
CA GLN A 25 -11.19 -20.74 27.83
C GLN A 25 -12.43 -20.99 26.97
N GLU A 26 -12.95 -19.95 26.32
CA GLU A 26 -14.20 -20.15 25.59
C GLU A 26 -13.95 -20.94 24.28
N VAL A 27 -12.75 -20.82 23.75
CA VAL A 27 -12.43 -21.60 22.52
C VAL A 27 -12.35 -23.09 22.93
N ARG A 28 -11.71 -23.38 24.07
CA ARG A 28 -11.63 -24.74 24.55
C ARG A 28 -13.01 -25.35 24.79
N LYS A 29 -13.90 -24.60 25.40
CA LYS A 29 -15.26 -25.05 25.59
C LYS A 29 -15.96 -25.43 24.28
N PHE A 30 -15.75 -24.58 23.29
CA PHE A 30 -16.33 -24.82 21.97
C PHE A 30 -15.77 -26.07 21.32
N VAL A 31 -14.47 -26.25 21.39
CA VAL A 31 -13.81 -27.42 20.81
C VAL A 31 -14.26 -28.70 21.54
N GLU A 32 -14.18 -28.69 22.88
CA GLU A 32 -14.43 -29.89 23.65
C GLU A 32 -15.89 -30.27 23.61
N GLY A 33 -16.81 -29.31 23.64
CA GLY A 33 -18.22 -29.62 23.45
C GLY A 33 -18.56 -30.30 22.15
N ASN A 34 -18.02 -29.74 21.08
CA ASN A 34 -18.21 -30.36 19.83
C ASN A 34 -17.46 -31.67 19.58
N ALA A 35 -16.30 -31.86 20.18
CA ALA A 35 -15.63 -33.16 20.19
C ALA A 35 -16.52 -34.21 20.88
N GLN A 36 -17.12 -33.84 21.99
CA GLN A 36 -18.03 -34.75 22.71
CA GLN A 36 -18.02 -34.77 22.70
C GLN A 36 -19.18 -35.14 21.79
N LEU A 37 -19.75 -34.13 21.15
CA LEU A 37 -20.88 -34.36 20.29
C LEU A 37 -20.54 -35.14 19.05
N CYS A 38 -19.52 -34.70 18.33
CA CYS A 38 -19.21 -35.26 17.01
C CYS A 38 -18.33 -36.53 17.02
N GLN A 39 -17.62 -36.76 18.15
CA GLN A 39 -16.79 -37.96 18.31
CA GLN A 39 -16.78 -37.96 18.33
C GLN A 39 -15.65 -38.12 17.28
N PRO A 40 -14.89 -37.02 16.99
CA PRO A 40 -13.72 -37.22 16.12
C PRO A 40 -12.69 -38.18 16.79
N GLU A 41 -11.90 -38.84 15.97
CA GLU A 41 -10.81 -39.65 16.42
C GLU A 41 -9.69 -38.78 17.04
N TYR A 42 -9.39 -37.66 16.38
CA TYR A 42 -8.28 -36.77 16.76
C TYR A 42 -8.74 -35.34 16.68
N ILE A 43 -8.05 -34.46 17.39
CA ILE A 43 -8.26 -33.04 17.32
C ILE A 43 -6.96 -32.43 16.88
N HIS A 44 -6.97 -31.65 15.80
CA HIS A 44 -5.80 -30.97 15.28
C HIS A 44 -6.02 -29.47 15.37
N ILE A 45 -5.24 -28.77 16.20
CA ILE A 45 -5.40 -27.33 16.32
C ILE A 45 -4.45 -26.69 15.33
N CYS A 46 -5.01 -26.05 14.31
CA CYS A 46 -4.22 -25.58 13.23
C CYS A 46 -3.29 -24.47 13.66
N ASP A 47 -2.08 -24.46 13.13
CA ASP A 47 -1.13 -23.39 13.35
C ASP A 47 -0.97 -22.43 12.19
N GLY A 48 -1.45 -22.78 10.99
CA GLY A 48 -1.31 -21.92 9.85
C GLY A 48 0.03 -21.98 9.15
N SER A 49 0.96 -22.82 9.64
CA SER A 49 2.31 -22.88 9.09
C SER A 49 2.38 -23.47 7.70
N GLU A 50 3.41 -23.13 6.93
CA GLU A 50 3.64 -23.76 5.63
C GLU A 50 3.81 -25.28 5.71
N GLU A 51 4.45 -25.73 6.78
CA GLU A 51 4.71 -27.14 7.01
C GLU A 51 3.39 -27.88 7.18
N GLU A 52 2.49 -27.31 7.99
CA GLU A 52 1.15 -27.89 8.19
C GLU A 52 0.42 -27.97 6.87
N TYR A 53 0.53 -26.91 6.08
CA TYR A 53 -0.20 -26.83 4.82
C TYR A 53 0.34 -27.86 3.84
N GLY A 54 1.67 -27.92 3.74
CA GLY A 54 2.29 -28.80 2.78
C GLY A 54 1.98 -30.24 3.09
N ARG A 55 1.99 -30.56 4.36
CA ARG A 55 1.74 -31.88 4.81
C ARG A 55 0.31 -32.32 4.58
N LEU A 56 -0.64 -31.42 4.80
CA LEU A 56 -2.05 -31.65 4.61
C LEU A 56 -2.38 -31.92 3.13
N LEU A 57 -1.79 -31.13 2.25
CA LEU A 57 -1.93 -31.35 0.80
C LEU A 57 -1.38 -32.70 0.37
N ALA A 58 -0.19 -33.06 0.87
CA ALA A 58 0.38 -34.37 0.56
C ALA A 58 -0.49 -35.53 1.01
N HIS A 59 -1.03 -35.43 2.22
CA HIS A 59 -1.97 -36.35 2.74
C HIS A 59 -3.26 -36.50 1.91
N MET A 60 -3.87 -35.38 1.53
CA MET A 60 -5.03 -35.47 0.64
C MET A 60 -4.71 -36.15 -0.68
N GLN A 61 -3.56 -35.84 -1.20
CA GLN A 61 -3.04 -36.50 -2.42
C GLN A 61 -2.97 -38.04 -2.23
N GLU A 62 -2.36 -38.49 -1.14
CA GLU A 62 -2.32 -39.92 -0.81
C GLU A 62 -3.68 -40.60 -0.71
N GLU A 63 -4.72 -39.87 -0.30
CA GLU A 63 -6.06 -40.47 -0.10
C GLU A 63 -6.96 -40.31 -1.32
N GLY A 64 -6.39 -39.84 -2.41
CA GLY A 64 -7.08 -39.64 -3.67
C GLY A 64 -7.94 -38.39 -3.70
N VAL A 65 -7.83 -37.52 -2.71
CA VAL A 65 -8.80 -36.41 -2.54
C VAL A 65 -8.45 -35.24 -3.46
N ILE A 66 -7.17 -35.00 -3.73
CA ILE A 66 -6.75 -34.02 -4.71
C ILE A 66 -5.62 -34.57 -5.57
N ARG A 67 -5.43 -33.96 -6.74
CA ARG A 67 -4.34 -34.28 -7.66
C ARG A 67 -3.42 -33.08 -7.77
N LYS A 68 -2.12 -33.33 -7.84
CA LYS A 68 -1.19 -32.26 -8.13
C LYS A 68 -1.24 -31.98 -9.65
N LEU A 69 -1.38 -30.70 -9.98
CA LEU A 69 -1.29 -30.17 -11.36
C LEU A 69 0.20 -29.93 -11.67
N LYS A 70 0.80 -30.84 -12.44
CA LYS A 70 2.26 -30.76 -12.64
C LYS A 70 2.75 -29.63 -13.56
N LYS A 71 1.86 -28.97 -14.33
CA LYS A 71 2.25 -27.84 -15.17
CA LYS A 71 2.27 -27.85 -15.17
C LYS A 71 2.71 -26.62 -14.35
N TYR A 72 2.20 -26.50 -13.11
CA TYR A 72 2.49 -25.33 -12.27
C TYR A 72 3.22 -25.63 -10.96
N ASP A 73 3.64 -24.52 -10.36
CA ASP A 73 4.21 -24.46 -9.03
C ASP A 73 3.12 -24.59 -7.95
N ASN A 74 3.07 -25.77 -7.33
CA ASN A 74 2.24 -26.03 -6.14
C ASN A 74 0.76 -25.69 -6.35
N CYS A 75 0.18 -26.26 -7.40
CA CYS A 75 -1.26 -26.15 -7.66
C CYS A 75 -1.86 -27.52 -7.64
N TRP A 76 -3.13 -27.55 -7.26
CA TRP A 76 -3.87 -28.74 -6.96
C TRP A 76 -5.25 -28.68 -7.55
N LEU A 77 -5.83 -29.85 -7.77
CA LEU A 77 -7.16 -30.03 -8.35
C LEU A 77 -7.97 -31.01 -7.52
N ALA A 78 -9.18 -30.58 -7.12
CA ALA A 78 -10.19 -31.43 -6.54
C ALA A 78 -11.35 -31.58 -7.50
N LEU A 79 -11.79 -32.80 -7.66
CA LEU A 79 -13.03 -33.09 -8.38
C LEU A 79 -14.05 -33.67 -7.42
N THR A 80 -15.26 -33.08 -7.35
CA THR A 80 -16.21 -33.42 -6.36
C THR A 80 -17.22 -34.47 -6.84
N ASP A 81 -17.92 -35.01 -5.87
CA ASP A 81 -19.19 -35.72 -6.11
C ASP A 81 -20.08 -34.69 -6.85
N PRO A 82 -20.71 -35.09 -7.97
CA PRO A 82 -21.53 -34.11 -8.70
C PRO A 82 -22.78 -33.63 -7.96
N ARG A 83 -23.16 -34.31 -6.87
CA ARG A 83 -24.25 -33.88 -6.01
C ARG A 83 -23.85 -32.65 -5.20
N ASP A 84 -22.56 -32.34 -5.18
CA ASP A 84 -22.02 -31.33 -4.23
C ASP A 84 -21.08 -30.39 -4.96
N VAL A 85 -21.69 -29.40 -5.62
CA VAL A 85 -21.04 -28.50 -6.54
C VAL A 85 -21.26 -27.02 -6.38
N ALA A 86 -22.09 -26.62 -5.42
CA ALA A 86 -22.48 -25.23 -5.28
C ALA A 86 -23.23 -25.01 -3.99
N ARG A 87 -23.35 -23.72 -3.64
CA ARG A 87 -24.28 -23.29 -2.62
C ARG A 87 -25.66 -23.75 -2.99
N ILE A 88 -26.42 -24.21 -2.00
CA ILE A 88 -27.83 -24.58 -2.19
C ILE A 88 -28.69 -23.64 -1.36
N GLU A 89 -29.27 -22.67 -2.03
CA GLU A 89 -30.09 -21.65 -1.36
CA GLU A 89 -30.02 -21.62 -1.34
C GLU A 89 -31.24 -22.27 -0.61
N SER A 90 -31.86 -23.32 -1.17
CA SER A 90 -33.01 -23.90 -0.52
C SER A 90 -32.70 -24.71 0.76
N LYS A 91 -31.41 -24.90 1.05
CA LYS A 91 -30.97 -25.59 2.27
CA LYS A 91 -30.94 -25.61 2.24
C LYS A 91 -30.12 -24.66 3.15
N THR A 92 -30.22 -23.36 2.86
CA THR A 92 -29.52 -22.31 3.64
C THR A 92 -30.52 -21.51 4.43
N VAL A 93 -30.33 -21.40 5.74
CA VAL A 93 -31.34 -20.85 6.59
C VAL A 93 -30.76 -19.99 7.71
N ILE A 94 -31.58 -19.11 8.21
CA ILE A 94 -31.25 -18.26 9.37
C ILE A 94 -32.28 -18.52 10.45
N ILE A 95 -31.79 -18.67 11.69
CA ILE A 95 -32.62 -18.96 12.86
C ILE A 95 -32.72 -17.75 13.76
N THR A 96 -33.92 -17.24 14.01
CA THR A 96 -34.16 -16.17 15.00
C THR A 96 -35.47 -16.49 15.71
N GLN A 97 -35.70 -15.83 16.83
CA GLN A 97 -36.96 -16.05 17.55
C GLN A 97 -38.14 -15.74 16.71
N GLU A 98 -38.07 -14.65 15.94
CA GLU A 98 -39.18 -14.18 15.12
C GLU A 98 -38.76 -14.17 13.65
N GLN A 99 -39.60 -14.76 12.83
CA GLN A 99 -39.35 -14.83 11.40
C GLN A 99 -39.13 -13.45 10.75
N ARG A 100 -39.93 -12.47 11.15
CA ARG A 100 -39.89 -11.14 10.59
CA ARG A 100 -39.88 -11.17 10.55
C ARG A 100 -38.51 -10.48 10.79
N ASP A 101 -37.79 -10.88 11.84
CA ASP A 101 -36.47 -10.26 12.03
C ASP A 101 -35.46 -10.71 10.98
N THR A 102 -35.71 -11.88 10.40
CA THR A 102 -34.83 -12.52 9.42
C THR A 102 -35.26 -12.11 7.98
N VAL A 103 -36.56 -12.13 7.69
CA VAL A 103 -37.05 -11.87 6.36
CA VAL A 103 -37.10 -11.89 6.33
C VAL A 103 -38.38 -11.08 6.47
N PRO A 104 -38.64 -10.14 5.55
CA PRO A 104 -40.00 -9.54 5.54
C PRO A 104 -41.09 -10.58 5.23
N ILE A 105 -42.24 -10.34 5.81
CA ILE A 105 -43.41 -11.20 5.54
C ILE A 105 -44.01 -10.70 4.23
N PRO A 106 -43.91 -11.52 3.16
CA PRO A 106 -44.36 -11.01 1.88
C PRO A 106 -45.87 -10.85 1.75
N LYS A 107 -46.29 -10.01 0.83
CA LYS A 107 -47.70 -9.69 0.75
C LYS A 107 -48.46 -10.84 0.08
N SER A 108 -47.95 -11.31 -1.04
CA SER A 108 -48.79 -12.26 -1.80
C SER A 108 -48.08 -13.58 -2.11
N GLY A 109 -46.78 -13.52 -2.37
CA GLY A 109 -46.01 -14.70 -2.70
C GLY A 109 -45.08 -15.21 -1.64
N GLN A 110 -44.22 -16.11 -2.09
CA GLN A 110 -43.17 -16.65 -1.26
C GLN A 110 -41.99 -15.65 -1.21
N SER A 111 -41.32 -15.56 -0.07
CA SER A 111 -40.13 -14.66 0.02
C SER A 111 -38.98 -15.17 -0.79
N GLN A 112 -38.29 -14.26 -1.47
CA GLN A 112 -37.10 -14.56 -2.22
C GLN A 112 -35.92 -13.93 -1.49
N LEU A 113 -36.18 -13.38 -0.30
CA LEU A 113 -35.14 -12.53 0.37
C LEU A 113 -34.47 -13.23 1.53
N GLY A 114 -34.74 -14.50 1.75
CA GLY A 114 -34.10 -15.28 2.80
C GLY A 114 -34.99 -16.43 3.17
N ARG A 115 -34.50 -17.30 4.06
CA ARG A 115 -35.23 -18.47 4.51
CA ARG A 115 -35.22 -18.47 4.49
C ARG A 115 -34.98 -18.59 5.99
N TRP A 116 -36.05 -18.54 6.74
CA TRP A 116 -36.04 -18.66 8.17
C TRP A 116 -36.36 -20.07 8.60
N MET A 117 -35.79 -20.47 9.71
CA MET A 117 -36.12 -21.72 10.35
C MET A 117 -36.27 -21.44 11.83
N SER A 118 -37.30 -22.00 12.47
CA SER A 118 -37.45 -21.82 13.91
C SER A 118 -36.36 -22.52 14.70
N GLU A 119 -36.14 -22.06 15.94
CA GLU A 119 -35.13 -22.63 16.80
C GLU A 119 -35.45 -24.11 17.06
N GLU A 120 -36.74 -24.42 17.18
CA GLU A 120 -37.18 -25.77 17.53
C GLU A 120 -36.95 -26.71 16.35
N ASP A 121 -37.20 -26.21 15.16
CA ASP A 121 -37.05 -27.05 13.97
C ASP A 121 -35.56 -27.27 13.74
N PHE A 122 -34.75 -26.22 13.97
CA PHE A 122 -33.32 -26.37 13.79
C PHE A 122 -32.75 -27.33 14.84
N GLU A 123 -33.23 -27.28 16.08
CA GLU A 123 -32.72 -28.26 17.03
C GLU A 123 -32.96 -29.70 16.58
N LYS A 124 -34.15 -30.00 16.08
CA LYS A 124 -34.41 -31.33 15.57
C LYS A 124 -33.46 -31.68 14.44
N ALA A 125 -33.21 -30.73 13.54
CA ALA A 125 -32.37 -30.98 12.39
C ALA A 125 -30.93 -31.24 12.81
N PHE A 126 -30.50 -30.49 13.78
CA PHE A 126 -29.13 -30.58 14.29
C PHE A 126 -28.91 -31.93 14.97
N ASN A 127 -29.88 -32.32 15.78
CA ASN A 127 -29.84 -33.63 16.45
C ASN A 127 -29.88 -34.83 15.49
N ALA A 128 -30.44 -34.64 14.31
CA ALA A 128 -30.53 -35.68 13.30
C ALA A 128 -29.26 -35.79 12.49
N ARG A 129 -28.30 -34.88 12.72
CA ARG A 129 -27.12 -34.79 11.86
C ARG A 129 -25.79 -34.94 12.59
N PHE A 130 -25.54 -34.12 13.59
CA PHE A 130 -24.20 -33.98 14.17
C PHE A 130 -23.74 -35.02 15.16
N PRO A 131 -24.65 -35.64 15.95
CA PRO A 131 -24.11 -36.68 16.85
C PRO A 131 -23.33 -37.81 16.15
N GLY A 132 -22.08 -38.00 16.57
CA GLY A 132 -21.16 -38.95 16.02
C GLY A 132 -20.69 -38.70 14.60
N CYS A 133 -20.92 -37.50 14.06
CA CYS A 133 -20.74 -37.32 12.63
C CYS A 133 -19.25 -37.32 12.20
N MET A 134 -18.31 -37.13 13.15
CA MET A 134 -16.89 -37.11 12.80
C MET A 134 -16.13 -38.37 13.22
N LYS A 135 -16.87 -39.41 13.58
CA LYS A 135 -16.26 -40.68 14.00
C LYS A 135 -15.22 -41.15 13.01
N GLY A 136 -14.02 -41.53 13.48
CA GLY A 136 -12.97 -41.95 12.58
C GLY A 136 -12.18 -40.88 11.84
N ARG A 137 -12.50 -39.61 12.10
CA ARG A 137 -11.96 -38.49 11.38
C ARG A 137 -11.29 -37.53 12.34
N THR A 138 -10.44 -36.66 11.80
CA THR A 138 -9.82 -35.57 12.59
C THR A 138 -10.75 -34.36 12.54
N MET A 139 -10.97 -33.75 13.70
CA MET A 139 -11.61 -32.46 13.82
C MET A 139 -10.47 -31.46 13.80
N TYR A 140 -10.40 -30.71 12.71
CA TYR A 140 -9.47 -29.58 12.62
C TYR A 140 -10.08 -28.33 13.27
N VAL A 141 -9.26 -27.56 14.01
CA VAL A 141 -9.68 -26.36 14.66
C VAL A 141 -8.95 -25.25 13.96
N ILE A 142 -9.71 -24.40 13.19
CA ILE A 142 -9.15 -23.35 12.37
C ILE A 142 -9.47 -22.03 13.02
N PRO A 143 -8.43 -21.38 13.58
CA PRO A 143 -8.64 -20.04 14.18
C PRO A 143 -8.36 -19.06 13.06
N PHE A 144 -9.31 -18.18 12.74
CA PHE A 144 -9.16 -17.31 11.58
C PHE A 144 -9.67 -15.90 11.82
N SER A 145 -8.99 -14.95 11.18
CA SER A 145 -9.40 -13.57 11.15
C SER A 145 -9.94 -13.22 9.78
N MET A 146 -11.10 -12.57 9.83
CA MET A 146 -11.71 -11.90 8.70
C MET A 146 -11.31 -10.45 8.80
N GLY A 147 -10.35 -10.10 7.97
CA GLY A 147 -9.76 -8.80 7.90
C GLY A 147 -8.33 -8.93 8.30
N PRO A 148 -7.58 -7.87 8.03
CA PRO A 148 -6.16 -7.87 8.41
C PRO A 148 -6.01 -8.14 9.89
N LEU A 149 -5.00 -8.94 10.22
CA LEU A 149 -4.85 -9.37 11.58
C LEU A 149 -4.70 -8.16 12.52
N GLY A 150 -5.54 -8.07 13.54
CA GLY A 150 -5.54 -6.91 14.44
C GLY A 150 -6.10 -5.55 13.93
N SER A 151 -6.67 -5.51 12.71
CA SER A 151 -7.49 -4.34 12.28
C SER A 151 -8.68 -4.13 13.21
N PRO A 152 -9.05 -2.87 13.53
CA PRO A 152 -10.19 -2.67 14.40
C PRO A 152 -11.54 -3.06 13.71
N LEU A 153 -11.45 -3.24 12.40
CA LEU A 153 -12.60 -3.64 11.57
C LEU A 153 -12.65 -5.19 11.37
N ALA A 154 -11.58 -5.89 11.76
CA ALA A 154 -11.55 -7.36 11.59
C ALA A 154 -12.41 -8.03 12.68
N LYS A 155 -12.85 -9.26 12.37
CA LYS A 155 -13.55 -10.12 13.35
C LYS A 155 -12.97 -11.54 13.25
N ILE A 156 -12.93 -12.25 14.37
CA ILE A 156 -12.34 -13.56 14.48
C ILE A 156 -13.44 -14.64 14.57
N GLY A 157 -13.11 -15.74 13.94
CA GLY A 157 -13.89 -16.94 14.06
C GLY A 157 -13.03 -18.14 14.38
N ILE A 158 -13.69 -19.20 14.83
CA ILE A 158 -13.07 -20.51 14.96
C ILE A 158 -13.93 -21.48 14.15
N GLU A 159 -13.35 -22.13 13.14
CA GLU A 159 -14.11 -23.17 12.38
C GLU A 159 -13.59 -24.53 12.78
N LEU A 160 -14.51 -25.39 13.23
CA LEU A 160 -14.23 -26.82 13.40
C LEU A 160 -14.74 -27.51 12.11
N THR A 161 -13.92 -28.36 11.54
CA THR A 161 -14.25 -29.09 10.34
C THR A 161 -13.57 -30.45 10.37
N ASP A 162 -14.20 -31.40 9.70
CA ASP A 162 -13.60 -32.69 9.43
C ASP A 162 -13.06 -32.81 8.01
N SER A 163 -12.89 -31.69 7.30
CA SER A 163 -12.43 -31.65 5.90
C SER A 163 -11.07 -30.97 5.77
N PRO A 164 -10.00 -31.75 5.44
CA PRO A 164 -8.73 -31.14 5.10
C PRO A 164 -8.84 -30.13 3.95
N TYR A 165 -9.71 -30.41 2.98
CA TYR A 165 -9.91 -29.47 1.88
C TYR A 165 -10.38 -28.11 2.37
N VAL A 166 -11.27 -28.07 3.36
CA VAL A 166 -11.68 -26.82 4.00
C VAL A 166 -10.52 -26.16 4.70
N VAL A 167 -9.72 -26.98 5.39
CA VAL A 167 -8.58 -26.36 6.06
C VAL A 167 -7.64 -25.68 5.09
N ALA A 168 -7.30 -26.37 4.01
CA ALA A 168 -6.39 -25.81 3.02
C ALA A 168 -6.98 -24.55 2.39
N SER A 169 -8.24 -24.61 2.02
CA SER A 169 -8.89 -23.50 1.37
C SER A 169 -9.04 -22.31 2.32
N MET A 170 -9.28 -22.57 3.61
CA MET A 170 -9.44 -21.53 4.59
C MET A 170 -8.09 -20.84 4.89
N ARG A 171 -7.02 -21.60 4.69
CA ARG A 171 -5.68 -20.99 4.79
C ARG A 171 -5.48 -19.90 3.75
N ILE A 172 -5.97 -20.12 2.55
CA ILE A 172 -5.85 -19.20 1.46
C ILE A 172 -6.84 -18.04 1.60
N MET A 173 -8.07 -18.40 1.99
CA MET A 173 -9.17 -17.42 1.98
C MET A 173 -9.32 -16.55 3.20
N THR A 174 -8.64 -16.87 4.31
CA THR A 174 -8.71 -16.14 5.56
C THR A 174 -7.25 -16.04 6.08
N ARG A 175 -7.03 -15.31 7.16
CA ARG A 175 -5.78 -15.41 7.89
C ARG A 175 -6.03 -16.44 8.97
N MET A 176 -5.23 -17.49 9.03
CA MET A 176 -5.49 -18.50 10.05
C MET A 176 -4.23 -19.02 10.69
N GLY A 177 -4.41 -19.46 11.91
CA GLY A 177 -3.35 -20.14 12.65
C GLY A 177 -3.08 -19.50 13.99
N THR A 178 -1.88 -19.81 14.49
CA THR A 178 -1.60 -19.47 15.88
C THR A 178 -1.67 -17.98 16.20
N SER A 179 -1.21 -17.16 15.26
CA SER A 179 -1.24 -15.69 15.49
C SER A 179 -2.66 -15.19 15.76
N VAL A 180 -3.65 -15.89 15.19
CA VAL A 180 -5.00 -15.50 15.39
C VAL A 180 -5.43 -15.86 16.80
N LEU A 181 -5.13 -17.06 17.27
CA LEU A 181 -5.47 -17.41 18.64
C LEU A 181 -4.83 -16.44 19.63
N GLU A 182 -3.60 -16.05 19.32
CA GLU A 182 -2.91 -15.08 20.20
C GLU A 182 -3.60 -13.69 20.14
N ALA A 183 -3.97 -13.21 18.95
CA ALA A 183 -4.71 -11.94 18.82
C ALA A 183 -6.06 -12.04 19.57
N LEU A 184 -6.73 -13.19 19.47
CA LEU A 184 -8.06 -13.34 20.04
C LEU A 184 -8.09 -13.19 21.57
N GLY A 185 -7.16 -13.85 22.23
CA GLY A 185 -7.19 -13.92 23.68
C GLY A 185 -8.56 -14.29 24.20
N ASP A 186 -9.06 -13.56 25.20
CA ASP A 186 -10.37 -13.89 25.73
C ASP A 186 -11.51 -13.12 25.10
N GLY A 187 -11.31 -12.64 23.86
CA GLY A 187 -12.34 -11.89 23.18
C GLY A 187 -13.42 -12.80 22.56
N GLU A 188 -14.42 -12.15 21.99
CA GLU A 188 -15.56 -12.83 21.38
C GLU A 188 -15.15 -13.30 19.97
N PHE A 189 -15.80 -14.39 19.53
CA PHE A 189 -15.51 -14.98 18.22
C PHE A 189 -16.79 -15.62 17.71
N ILE A 190 -16.85 -15.77 16.39
CA ILE A 190 -17.95 -16.49 15.78
C ILE A 190 -17.59 -17.98 15.76
N LYS A 191 -18.56 -18.75 16.26
CA LYS A 191 -18.46 -20.19 16.36
C LYS A 191 -18.94 -20.81 15.06
N CYS A 192 -18.07 -21.51 14.37
CA CYS A 192 -18.32 -22.04 13.02
C CYS A 192 -18.14 -23.56 13.12
N LEU A 193 -19.19 -24.36 12.92
CA LEU A 193 -19.07 -25.78 12.98
C LEU A 193 -19.46 -26.37 11.61
N HIS A 194 -18.60 -27.19 11.08
CA HIS A 194 -18.82 -27.83 9.78
C HIS A 194 -18.51 -29.31 9.81
N SER A 195 -19.36 -30.12 9.18
CA SER A 195 -19.01 -31.54 8.92
C SER A 195 -19.53 -31.96 7.57
N VAL A 196 -18.72 -32.77 6.90
CA VAL A 196 -19.14 -33.39 5.62
C VAL A 196 -20.22 -34.43 5.87
N GLY A 197 -20.43 -34.86 7.11
CA GLY A 197 -21.58 -35.74 7.41
C GLY A 197 -21.43 -37.18 6.92
N CYS A 198 -20.18 -37.65 6.95
CA CYS A 198 -19.79 -39.02 6.53
C CYS A 198 -18.89 -39.67 7.56
N PRO A 199 -19.45 -39.99 8.73
CA PRO A 199 -18.65 -40.68 9.72
C PRO A 199 -18.20 -42.04 9.24
N LEU A 200 -17.03 -42.48 9.70
CA LEU A 200 -16.51 -43.80 9.40
C LEU A 200 -16.96 -44.79 10.47
N PRO A 201 -17.24 -46.04 10.05
CA PRO A 201 -17.16 -46.52 8.67
C PRO A 201 -18.31 -46.00 7.80
N LEU A 202 -18.00 -45.77 6.54
CA LEU A 202 -18.95 -45.11 5.68
C LEU A 202 -20.22 -45.94 5.56
N LYS A 203 -21.34 -45.26 5.70
CA LYS A 203 -22.67 -45.88 5.52
C LYS A 203 -23.12 -45.93 4.07
N LYS A 204 -22.61 -45.01 3.27
CA LYS A 204 -22.98 -44.86 1.87
C LYS A 204 -21.73 -44.75 1.01
N PRO A 205 -21.86 -45.03 -0.28
CA PRO A 205 -20.73 -44.95 -1.21
C PRO A 205 -19.98 -43.60 -1.25
N LEU A 206 -18.66 -43.65 -1.22
CA LEU A 206 -17.86 -42.48 -1.38
C LEU A 206 -17.71 -42.29 -2.86
N VAL A 207 -18.24 -41.20 -3.37
CA VAL A 207 -18.07 -40.85 -4.78
C VAL A 207 -16.94 -39.89 -5.03
N ASN A 208 -16.05 -40.24 -5.95
CA ASN A 208 -14.99 -39.37 -6.40
C ASN A 208 -14.13 -38.89 -5.21
N ASN A 209 -13.96 -39.76 -4.22
CA ASN A 209 -13.15 -39.45 -3.03
C ASN A 209 -13.54 -38.11 -2.39
N TRP A 210 -14.82 -37.82 -2.48
CA TRP A 210 -15.37 -36.51 -2.02
C TRP A 210 -16.51 -36.75 -1.06
N ALA A 211 -16.19 -36.64 0.23
CA ALA A 211 -17.14 -36.88 1.25
C ALA A 211 -18.19 -35.74 1.31
N CYS A 212 -19.45 -36.16 1.28
CA CYS A 212 -20.60 -35.27 1.37
C CYS A 212 -21.84 -36.06 1.74
N ASN A 213 -22.90 -35.37 2.10
CA ASN A 213 -24.17 -35.99 2.50
C ASN A 213 -25.27 -35.10 1.93
N PRO A 214 -25.58 -35.31 0.64
CA PRO A 214 -26.46 -34.35 0.00
C PRO A 214 -27.86 -34.29 0.64
N GLU A 215 -28.40 -35.44 1.02
CA GLU A 215 -29.76 -35.45 1.50
C GLU A 215 -29.92 -34.65 2.78
N LEU A 216 -28.84 -34.59 3.60
CA LEU A 216 -28.92 -33.94 4.89
C LEU A 216 -28.21 -32.56 4.88
N THR A 217 -27.90 -32.07 3.70
CA THR A 217 -27.15 -30.80 3.58
C THR A 217 -27.99 -29.66 4.18
N LEU A 218 -27.39 -28.87 5.07
CA LEU A 218 -28.10 -27.81 5.79
C LEU A 218 -27.05 -26.78 6.25
N ILE A 219 -27.25 -25.55 5.83
CA ILE A 219 -26.25 -24.46 6.11
C ILE A 219 -27.02 -23.44 6.95
N ALA A 220 -26.75 -23.40 8.27
CA ALA A 220 -27.55 -22.65 9.17
C ALA A 220 -26.76 -21.49 9.85
N HIS A 221 -27.47 -20.45 10.21
CA HIS A 221 -26.89 -19.24 10.81
C HIS A 221 -27.77 -18.86 11.99
N LEU A 222 -27.11 -18.67 13.15
CA LEU A 222 -27.76 -18.28 14.40
C LEU A 222 -27.19 -16.98 14.91
N PRO A 223 -27.61 -15.85 14.35
CA PRO A 223 -26.88 -14.61 14.66
C PRO A 223 -26.90 -14.23 16.15
N ASP A 224 -27.99 -14.50 16.82
CA ASP A 224 -28.08 -14.17 18.24
C ASP A 224 -27.15 -15.04 19.09
N ARG A 225 -26.82 -16.24 18.62
CA ARG A 225 -25.83 -17.13 19.28
C ARG A 225 -24.41 -16.93 18.73
N ARG A 226 -24.23 -16.09 17.71
CA ARG A 226 -22.99 -15.92 16.99
C ARG A 226 -22.47 -17.27 16.53
N GLU A 227 -23.32 -18.07 15.92
CA GLU A 227 -22.98 -19.40 15.44
C GLU A 227 -23.35 -19.55 13.96
N ILE A 228 -22.52 -20.32 13.30
CA ILE A 228 -22.73 -20.87 11.98
C ILE A 228 -22.54 -22.35 12.05
N ILE A 229 -23.56 -23.11 11.60
CA ILE A 229 -23.55 -24.58 11.69
C ILE A 229 -23.90 -25.14 10.29
N SER A 230 -22.98 -25.89 9.68
CA SER A 230 -23.12 -26.33 8.29
C SER A 230 -22.77 -27.80 8.21
N PHE A 231 -23.69 -28.58 7.62
CA PHE A 231 -23.59 -30.03 7.55
C PHE A 231 -23.84 -30.52 6.12
N GLY A 232 -23.00 -31.46 5.72
CA GLY A 232 -23.21 -32.24 4.51
C GLY A 232 -22.72 -31.82 3.18
N SER A 233 -22.27 -30.57 3.02
CA SER A 233 -21.59 -30.15 1.85
C SER A 233 -20.16 -29.79 2.19
N GLY A 234 -19.27 -30.22 1.34
CA GLY A 234 -17.87 -29.87 1.42
C GLY A 234 -17.48 -28.72 0.58
N TYR A 235 -18.43 -28.09 -0.15
CA TYR A 235 -18.13 -27.15 -1.24
C TYR A 235 -18.23 -25.68 -0.85
N GLY A 236 -17.20 -24.91 -1.22
CA GLY A 236 -17.25 -23.49 -1.30
C GLY A 236 -17.98 -22.72 -0.23
N GLY A 237 -19.02 -22.00 -0.64
CA GLY A 237 -19.80 -21.18 0.24
C GLY A 237 -20.56 -21.93 1.29
N ASN A 238 -20.67 -23.25 1.18
CA ASN A 238 -21.26 -24.08 2.23
C ASN A 238 -20.31 -24.50 3.32
N SER A 239 -19.01 -24.56 3.02
CA SER A 239 -18.04 -25.19 3.91
C SER A 239 -16.95 -24.21 4.34
N LEU A 240 -16.64 -23.21 3.53
CA LEU A 240 -15.61 -22.20 3.90
C LEU A 240 -16.42 -21.15 4.58
N LEU A 241 -16.55 -21.27 5.88
CA LEU A 241 -17.57 -20.54 6.61
C LEU A 241 -17.32 -19.07 6.86
N GLY A 242 -16.06 -18.66 6.65
CA GLY A 242 -15.73 -17.26 6.70
C GLY A 242 -16.40 -16.36 5.67
N LYS A 243 -16.60 -16.93 4.50
CA LYS A 243 -16.89 -16.14 3.34
C LYS A 243 -18.34 -15.64 3.29
N LYS A 244 -19.27 -16.46 2.89
CA LYS A 244 -20.64 -15.98 2.79
C LYS A 244 -21.36 -16.04 4.15
N CYS A 245 -21.17 -17.17 4.86
CA CYS A 245 -21.92 -17.39 6.10
C CYS A 245 -21.58 -16.33 7.16
N PHE A 246 -20.27 -16.10 7.30
CA PHE A 246 -19.75 -15.14 8.29
C PHE A 246 -19.75 -13.75 7.67
N ALA A 247 -18.98 -13.59 6.62
CA ALA A 247 -18.67 -12.23 6.20
C ALA A 247 -19.82 -11.50 5.52
N LEU A 248 -20.90 -12.23 5.08
CA LEU A 248 -22.08 -11.53 4.66
C LEU A 248 -23.24 -11.79 5.66
N ARG A 249 -23.60 -13.04 5.93
CA ARG A 249 -24.85 -13.24 6.68
C ARG A 249 -24.77 -12.81 8.15
N ILE A 250 -23.85 -13.44 8.89
CA ILE A 250 -23.64 -13.03 10.28
C ILE A 250 -23.16 -11.55 10.38
N ALA A 251 -22.22 -11.22 9.50
CA ALA A 251 -21.61 -9.90 9.57
C ALA A 251 -22.61 -8.81 9.28
N SER A 252 -23.54 -9.02 8.34
CA SER A 252 -24.52 -7.99 8.06
C SER A 252 -25.39 -7.67 9.31
N ARG A 253 -25.66 -8.71 10.11
CA ARG A 253 -26.44 -8.54 11.34
C ARG A 253 -25.60 -7.80 12.38
N LEU A 254 -24.35 -8.20 12.52
CA LEU A 254 -23.41 -7.47 13.41
C LEU A 254 -23.30 -5.97 13.00
N ALA A 255 -23.20 -5.73 11.71
CA ALA A 255 -23.12 -4.41 11.12
C ALA A 255 -24.28 -3.55 11.46
N LYS A 256 -25.48 -4.12 11.38
CA LYS A 256 -26.68 -3.46 11.75
C LYS A 256 -26.66 -3.09 13.26
N GLU A 257 -26.20 -4.01 14.10
CA GLU A 257 -26.16 -3.79 15.57
C GLU A 257 -25.20 -2.66 15.84
N GLU A 258 -24.14 -2.61 15.07
CA GLU A 258 -22.92 -1.86 15.44
C GLU A 258 -22.74 -0.57 14.62
N GLY A 259 -23.54 -0.33 13.59
CA GLY A 259 -23.47 0.90 12.80
C GLY A 259 -22.63 0.90 11.56
N TRP A 260 -22.29 -0.27 11.04
CA TRP A 260 -21.43 -0.40 9.86
C TRP A 260 -22.13 -1.19 8.78
N LEU A 261 -21.41 -1.56 7.72
CA LEU A 261 -22.02 -2.26 6.57
C LEU A 261 -21.18 -3.44 6.16
N ALA A 262 -21.82 -4.57 5.90
CA ALA A 262 -21.15 -5.72 5.36
C ALA A 262 -21.83 -6.03 4.08
N GLU A 263 -21.07 -5.94 3.03
CA GLU A 263 -21.66 -5.88 1.71
C GLU A 263 -20.98 -6.72 0.66
N HIS A 264 -21.75 -7.17 -0.35
CA HIS A 264 -21.28 -8.00 -1.46
C HIS A 264 -20.66 -7.11 -2.55
N MET A 265 -19.54 -6.49 -2.17
CA MET A 265 -18.86 -5.57 -3.04
C MET A 265 -17.38 -5.84 -3.22
N LEU A 266 -16.94 -5.73 -4.47
CA LEU A 266 -15.50 -5.57 -4.76
C LEU A 266 -15.07 -4.21 -4.24
N ILE A 267 -13.76 -4.08 -4.09
CA ILE A 267 -13.13 -2.79 -3.76
C ILE A 267 -11.93 -2.67 -4.66
N LEU A 268 -11.85 -1.54 -5.35
CA LEU A 268 -10.70 -1.24 -6.22
C LEU A 268 -10.18 0.15 -5.99
N GLY A 269 -8.90 0.34 -6.31
CA GLY A 269 -8.27 1.66 -6.30
C GLY A 269 -7.99 2.06 -7.75
N ILE A 270 -8.38 3.28 -8.10
CA ILE A 270 -8.24 3.77 -9.48
C ILE A 270 -7.36 5.05 -9.38
N THR A 271 -6.32 5.08 -10.22
CA THR A 271 -5.37 6.21 -10.31
C THR A 271 -5.42 6.78 -11.74
N ASN A 272 -5.63 8.09 -11.84
CA ASN A 272 -5.71 8.76 -13.13
C ASN A 272 -4.27 9.12 -13.62
N PRO A 273 -4.19 9.66 -14.86
CA PRO A 273 -2.86 9.92 -15.44
C PRO A 273 -2.03 10.94 -14.66
N GLU A 274 -2.66 11.76 -13.82
CA GLU A 274 -2.01 12.76 -13.00
C GLU A 274 -1.66 12.24 -11.63
N GLY A 275 -1.92 10.96 -11.37
CA GLY A 275 -1.49 10.33 -10.11
C GLY A 275 -2.46 10.44 -8.95
N LYS A 276 -3.66 10.94 -9.20
CA LYS A 276 -4.66 11.10 -8.16
C LYS A 276 -5.43 9.75 -8.09
N LYS A 277 -5.64 9.30 -6.87
CA LYS A 277 -6.22 7.97 -6.57
C LYS A 277 -7.50 8.03 -5.77
N LYS A 278 -8.47 7.19 -6.17
CA LYS A 278 -9.67 7.00 -5.40
C LYS A 278 -9.95 5.52 -5.26
N TYR A 279 -10.72 5.24 -4.20
CA TYR A 279 -11.29 3.90 -4.02
C TYR A 279 -12.82 3.86 -4.24
N LEU A 280 -13.22 2.82 -4.95
CA LEU A 280 -14.62 2.58 -5.31
C LEU A 280 -14.98 1.17 -4.89
N ALA A 281 -16.22 1.01 -4.47
CA ALA A 281 -16.79 -0.31 -4.16
C ALA A 281 -17.89 -0.61 -5.16
N ALA A 282 -18.09 -1.83 -5.54
CA ALA A 282 -19.14 -2.16 -6.51
C ALA A 282 -19.86 -3.46 -6.16
N ALA A 283 -21.17 -3.39 -6.18
CA ALA A 283 -22.02 -4.58 -6.00
C ALA A 283 -22.70 -5.02 -7.28
N PHE A 284 -22.26 -6.17 -7.81
CA PHE A 284 -22.92 -6.81 -8.93
C PHE A 284 -23.37 -8.22 -8.55
N PRO A 285 -24.44 -8.74 -9.18
CA PRO A 285 -24.83 -10.12 -8.90
C PRO A 285 -23.67 -11.14 -8.97
N SER A 286 -23.72 -12.21 -8.16
CA SER A 286 -22.70 -13.28 -8.20
C SER A 286 -22.30 -13.66 -9.66
N ALA A 287 -23.31 -13.79 -10.53
CA ALA A 287 -23.05 -14.16 -11.97
C ALA A 287 -22.25 -13.14 -12.77
N CYS A 288 -22.11 -11.91 -12.27
CA CYS A 288 -21.45 -10.83 -13.00
C CYS A 288 -19.93 -10.78 -12.78
N GLY A 289 -19.29 -9.85 -13.48
CA GLY A 289 -17.85 -9.72 -13.50
C GLY A 289 -17.28 -8.78 -12.48
N LYS A 290 -17.50 -9.10 -11.22
CA LYS A 290 -16.82 -8.33 -10.17
C LYS A 290 -15.30 -8.55 -10.25
N THR A 291 -14.84 -9.79 -10.35
CA THR A 291 -13.40 -10.04 -10.38
C THR A 291 -12.76 -9.33 -11.60
N ASN A 292 -13.45 -9.39 -12.74
CA ASN A 292 -12.98 -8.73 -13.97
C ASN A 292 -12.80 -7.25 -13.80
N LEU A 293 -13.70 -6.62 -13.06
CA LEU A 293 -13.63 -5.17 -12.82
C LEU A 293 -12.57 -4.83 -11.78
N ALA A 294 -12.49 -5.64 -10.74
CA ALA A 294 -11.56 -5.37 -9.61
C ALA A 294 -10.09 -5.50 -10.00
N MET A 295 -9.85 -6.29 -11.06
CA MET A 295 -8.51 -6.57 -11.59
C MET A 295 -8.32 -6.05 -13.00
N MET A 296 -9.17 -5.12 -13.39
CA MET A 296 -9.18 -4.59 -14.74
C MET A 296 -7.80 -4.11 -15.17
N ASN A 297 -7.48 -4.44 -16.42
CA ASN A 297 -6.39 -3.82 -17.12
C ASN A 297 -6.93 -2.65 -18.02
N PRO A 298 -6.86 -1.40 -17.53
CA PRO A 298 -7.55 -0.27 -18.18
C PRO A 298 -6.92 0.01 -19.52
N THR A 299 -7.73 0.27 -20.55
CA THR A 299 -7.18 0.61 -21.86
C THR A 299 -6.73 2.07 -21.96
N LEU A 300 -7.30 2.95 -21.15
CA LEU A 300 -6.95 4.36 -21.24
C LEU A 300 -5.55 4.60 -20.73
N PRO A 301 -4.72 5.31 -21.53
CA PRO A 301 -3.33 5.53 -21.14
C PRO A 301 -3.18 6.35 -19.85
N GLY A 302 -2.27 5.93 -18.97
CA GLY A 302 -2.03 6.65 -17.70
C GLY A 302 -2.99 6.30 -16.55
N TRP A 303 -4.00 5.45 -16.82
CA TRP A 303 -4.94 5.01 -15.76
C TRP A 303 -4.45 3.69 -15.23
N LYS A 304 -4.53 3.53 -13.91
CA LYS A 304 -4.21 2.29 -13.23
C LYS A 304 -5.40 1.84 -12.34
N VAL A 305 -5.69 0.54 -12.40
CA VAL A 305 -6.65 -0.09 -11.45
C VAL A 305 -5.84 -1.11 -10.62
N GLU A 306 -6.08 -1.07 -9.32
CA GLU A 306 -5.48 -1.98 -8.35
C GLU A 306 -6.61 -2.63 -7.55
N CYS A 307 -6.39 -3.88 -7.18
CA CYS A 307 -7.45 -4.64 -6.51
C CYS A 307 -7.30 -4.64 -5.00
N VAL A 308 -8.35 -4.27 -4.24
CA VAL A 308 -8.36 -4.44 -2.75
C VAL A 308 -9.08 -5.76 -2.39
N GLY A 309 -10.21 -6.05 -3.09
CA GLY A 309 -10.94 -7.32 -3.03
C GLY A 309 -11.92 -7.49 -4.12
N ASP A 310 -12.38 -8.72 -4.34
CA ASP A 310 -13.25 -8.99 -5.48
C ASP A 310 -14.62 -9.45 -5.07
N ASP A 311 -14.97 -9.39 -3.79
CA ASP A 311 -16.21 -10.04 -3.35
C ASP A 311 -16.95 -9.38 -2.21
N ILE A 312 -16.28 -9.15 -1.07
CA ILE A 312 -16.93 -8.74 0.14
C ILE A 312 -16.23 -7.52 0.66
N ALA A 313 -16.99 -6.56 1.14
CA ALA A 313 -16.48 -5.31 1.74
C ALA A 313 -17.12 -5.07 3.08
N TRP A 314 -16.32 -4.75 4.12
CA TRP A 314 -16.83 -4.32 5.37
C TRP A 314 -16.50 -2.85 5.48
N MET A 315 -17.51 -2.02 5.70
CA MET A 315 -17.37 -0.58 5.57
C MET A 315 -17.90 0.11 6.78
N LYS A 316 -17.10 1.04 7.34
CA LYS A 316 -17.53 1.77 8.53
CA LYS A 316 -17.45 1.73 8.54
C LYS A 316 -17.05 3.21 8.45
N PHE A 317 -17.97 4.13 8.72
CA PHE A 317 -17.66 5.58 8.79
C PHE A 317 -16.70 5.79 9.96
N ASP A 318 -15.56 6.39 9.68
CA ASP A 318 -14.59 6.70 10.73
C ASP A 318 -14.92 8.00 11.42
N ALA A 319 -14.10 8.39 12.40
CA ALA A 319 -14.47 9.55 13.20
C ALA A 319 -14.40 10.86 12.38
N GLN A 320 -13.70 10.84 11.26
CA GLN A 320 -13.70 11.97 10.32
C GLN A 320 -14.86 11.97 9.30
N GLY A 321 -15.62 10.88 9.20
CA GLY A 321 -16.74 10.83 8.26
C GLY A 321 -16.37 10.12 6.98
N ASN A 322 -15.16 9.60 6.86
CA ASN A 322 -14.79 8.89 5.67
C ASN A 322 -15.36 7.48 5.79
N LEU A 323 -15.84 6.95 4.68
CA LEU A 323 -16.32 5.57 4.70
C LEU A 323 -15.14 4.63 4.47
N ARG A 324 -14.69 3.93 5.50
CA ARG A 324 -13.54 3.08 5.37
C ARG A 324 -13.90 1.65 5.05
N ALA A 325 -13.25 1.03 4.08
CA ALA A 325 -13.55 -0.33 3.70
C ALA A 325 -12.33 -1.24 3.84
N ILE A 326 -12.55 -2.43 4.37
CA ILE A 326 -11.63 -3.53 4.29
C ILE A 326 -12.22 -4.68 3.48
N ASN A 327 -11.32 -5.41 2.85
CA ASN A 327 -11.59 -6.73 2.32
C ASN A 327 -11.37 -7.70 3.48
N PRO A 328 -12.47 -8.35 3.95
CA PRO A 328 -12.26 -9.32 5.06
C PRO A 328 -11.67 -10.64 4.61
N GLU A 329 -11.48 -10.87 3.32
CA GLU A 329 -10.88 -12.05 2.81
C GLU A 329 -9.37 -11.92 2.60
N ASN A 330 -8.71 -13.07 2.44
CA ASN A 330 -7.23 -13.16 2.28
C ASN A 330 -6.87 -13.76 0.89
N GLY A 331 -7.87 -14.05 0.06
CA GLY A 331 -7.72 -14.70 -1.24
C GLY A 331 -8.93 -14.43 -2.12
N PHE A 332 -8.89 -15.03 -3.30
CA PHE A 332 -9.95 -14.99 -4.26
C PHE A 332 -10.47 -16.38 -4.53
N PHE A 333 -11.78 -16.55 -4.37
CA PHE A 333 -12.45 -17.82 -4.61
C PHE A 333 -13.34 -17.56 -5.81
N GLY A 334 -12.71 -17.57 -6.98
CA GLY A 334 -13.30 -17.08 -8.20
C GLY A 334 -13.91 -18.17 -9.08
N VAL A 335 -14.99 -17.81 -9.75
CA VAL A 335 -15.60 -18.70 -10.75
C VAL A 335 -14.60 -18.83 -11.88
N ALA A 336 -14.21 -20.06 -12.20
CA ALA A 336 -13.23 -20.31 -13.24
C ALA A 336 -13.69 -20.09 -14.70
N PRO A 337 -14.77 -20.76 -15.13
CA PRO A 337 -15.22 -20.56 -16.52
C PRO A 337 -15.37 -19.11 -16.89
N GLY A 338 -14.96 -18.79 -18.10
CA GLY A 338 -14.94 -17.41 -18.59
C GLY A 338 -13.73 -16.61 -18.21
N THR A 339 -12.85 -17.14 -17.37
CA THR A 339 -11.64 -16.45 -17.03
C THR A 339 -10.66 -16.67 -18.21
N SER A 340 -10.23 -15.59 -18.86
CA SER A 340 -9.23 -15.69 -19.95
C SER A 340 -8.18 -14.60 -19.88
N VAL A 341 -7.16 -14.70 -20.72
CA VAL A 341 -6.24 -13.56 -20.92
C VAL A 341 -6.97 -12.26 -21.37
N LYS A 342 -8.01 -12.39 -22.20
CA LYS A 342 -8.80 -11.23 -22.64
C LYS A 342 -9.76 -10.67 -21.58
N THR A 343 -10.56 -11.53 -20.94
CA THR A 343 -11.48 -11.06 -19.90
C THR A 343 -10.75 -10.67 -18.61
N ASN A 344 -9.65 -11.36 -18.27
CA ASN A 344 -8.95 -11.09 -17.00
C ASN A 344 -7.49 -11.59 -16.94
N PRO A 345 -6.56 -10.88 -17.62
CA PRO A 345 -5.12 -11.21 -17.62
C PRO A 345 -4.46 -11.29 -16.22
N ASN A 346 -4.86 -10.39 -15.32
CA ASN A 346 -4.32 -10.41 -13.97
C ASN A 346 -4.78 -11.60 -13.13
N ALA A 347 -6.01 -12.04 -13.32
CA ALA A 347 -6.45 -13.29 -12.67
C ALA A 347 -5.64 -14.49 -13.16
N ILE A 348 -5.43 -14.57 -14.49
CA ILE A 348 -4.67 -15.66 -15.08
C ILE A 348 -3.27 -15.69 -14.49
N LYS A 349 -2.71 -14.52 -14.22
CA LYS A 349 -1.40 -14.47 -13.60
C LYS A 349 -1.41 -14.98 -12.16
N THR A 350 -2.38 -14.51 -11.38
CA THR A 350 -2.48 -14.83 -9.97
C THR A 350 -2.54 -16.35 -9.73
N ILE A 351 -3.27 -17.06 -10.58
CA ILE A 351 -3.59 -18.44 -10.29
C ILE A 351 -2.55 -19.46 -10.78
N GLN A 352 -1.37 -18.97 -11.16
CA GLN A 352 -0.38 -19.85 -11.77
C GLN A 352 0.50 -20.51 -10.71
N LYS A 353 0.32 -20.10 -9.44
CA LYS A 353 1.14 -20.53 -8.34
C LYS A 353 0.21 -20.78 -7.12
N ASN A 354 0.47 -21.81 -6.34
CA ASN A 354 -0.09 -21.90 -4.98
C ASN A 354 -1.63 -21.80 -4.94
N THR A 355 -2.26 -22.42 -5.92
CA THR A 355 -3.72 -22.33 -6.11
C THR A 355 -4.38 -23.68 -6.13
N ILE A 356 -5.59 -23.76 -5.54
CA ILE A 356 -6.43 -24.93 -5.52
C ILE A 356 -7.63 -24.69 -6.45
N PHE A 357 -7.76 -25.60 -7.39
CA PHE A 357 -8.85 -25.57 -8.36
C PHE A 357 -9.80 -26.68 -8.02
N THR A 358 -11.07 -26.43 -8.25
CA THR A 358 -12.10 -27.37 -8.00
C THR A 358 -13.05 -27.47 -9.19
N ASN A 359 -13.13 -28.67 -9.72
CA ASN A 359 -14.12 -29.02 -10.80
C ASN A 359 -13.82 -28.33 -12.12
N VAL A 360 -12.54 -28.05 -12.37
CA VAL A 360 -12.10 -27.69 -13.70
C VAL A 360 -11.60 -28.95 -14.43
N ALA A 361 -11.38 -28.77 -15.73
CA ALA A 361 -10.80 -29.84 -16.53
C ALA A 361 -9.29 -29.77 -16.44
N GLU A 362 -8.67 -30.91 -16.73
CA GLU A 362 -7.23 -31.01 -16.69
C GLU A 362 -6.71 -31.47 -18.06
N THR A 363 -5.70 -30.74 -18.50
CA THR A 363 -5.00 -31.01 -19.75
C THR A 363 -4.02 -32.15 -19.52
N SER A 364 -3.72 -32.91 -20.57
CA SER A 364 -2.83 -34.07 -20.43
C SER A 364 -1.41 -33.67 -20.02
N ASP A 365 -1.05 -32.40 -20.17
CA ASP A 365 0.22 -31.86 -19.64
C ASP A 365 0.13 -31.24 -18.22
N GLY A 366 -0.97 -31.55 -17.52
CA GLY A 366 -1.14 -31.22 -16.09
C GLY A 366 -1.53 -29.78 -15.84
N GLY A 367 -2.24 -29.20 -16.80
CA GLY A 367 -2.66 -27.79 -16.76
C GLY A 367 -4.15 -27.77 -16.54
N VAL A 368 -4.71 -26.56 -16.42
CA VAL A 368 -6.15 -26.46 -16.19
C VAL A 368 -6.86 -25.96 -17.43
N TYR A 369 -8.13 -26.29 -17.54
CA TYR A 369 -8.94 -25.78 -18.65
C TYR A 369 -10.41 -25.62 -18.25
N TRP A 370 -11.08 -24.72 -18.98
CA TRP A 370 -12.51 -24.46 -18.78
C TRP A 370 -13.08 -23.70 -19.95
N GLU A 371 -14.39 -23.84 -20.11
CA GLU A 371 -15.14 -22.99 -21.02
C GLU A 371 -14.69 -21.54 -20.92
N GLY A 372 -14.49 -20.92 -22.06
CA GLY A 372 -14.08 -19.52 -22.12
C GLY A 372 -12.67 -19.12 -21.74
N ILE A 373 -11.80 -20.10 -21.57
CA ILE A 373 -10.40 -19.83 -21.30
C ILE A 373 -9.71 -19.19 -22.53
N ASP A 374 -10.29 -19.38 -23.71
CA ASP A 374 -9.87 -18.64 -24.90
C ASP A 374 -8.35 -18.80 -25.09
N GLU A 375 -7.92 -20.05 -25.09
CA GLU A 375 -6.51 -20.34 -25.24
C GLU A 375 -6.34 -21.65 -26.00
N PRO A 376 -5.85 -21.55 -27.26
CA PRO A 376 -5.72 -22.79 -28.03
C PRO A 376 -4.74 -23.76 -27.38
N LEU A 377 -5.08 -25.05 -27.48
CA LEU A 377 -4.21 -26.10 -26.97
C LEU A 377 -3.13 -26.49 -27.99
N ALA A 378 -1.92 -26.71 -27.46
CA ALA A 378 -0.78 -27.26 -28.19
C ALA A 378 -1.17 -28.55 -28.89
N PRO A 379 -0.50 -28.89 -30.01
N PRO A 379 -0.94 -28.63 -30.22
CA PRO A 379 -0.65 -30.09 -30.86
CA PRO A 379 -1.41 -29.84 -30.90
C PRO A 379 -1.32 -31.38 -30.32
C PRO A 379 -0.72 -31.00 -30.20
N GLY A 380 -0.66 -32.10 -29.42
N GLY A 380 -1.47 -32.04 -29.86
CA GLY A 380 -1.22 -33.37 -28.93
CA GLY A 380 -1.00 -33.13 -28.98
C GLY A 380 -1.89 -33.31 -27.56
C GLY A 380 -1.61 -33.22 -27.57
N VAL A 381 -2.18 -32.10 -27.08
CA VAL A 381 -2.72 -31.99 -25.72
C VAL A 381 -4.20 -32.35 -25.71
N THR A 382 -4.59 -33.29 -24.82
CA THR A 382 -5.96 -33.74 -24.71
C THR A 382 -6.55 -33.18 -23.40
N ILE A 383 -7.83 -33.46 -23.17
CA ILE A 383 -8.57 -33.01 -21.98
C ILE A 383 -9.30 -34.09 -21.21
N THR A 384 -9.17 -34.02 -19.87
CA THR A 384 -10.02 -34.79 -18.96
C THR A 384 -10.98 -33.78 -18.37
N SER A 385 -12.27 -34.13 -18.45
CA SER A 385 -13.35 -33.28 -17.95
C SER A 385 -13.29 -33.29 -16.45
N TRP A 386 -14.01 -32.36 -15.85
CA TRP A 386 -14.15 -32.32 -14.40
C TRP A 386 -14.82 -33.59 -13.87
N LYS A 387 -15.34 -34.48 -14.75
CA LYS A 387 -16.02 -35.71 -14.32
C LYS A 387 -15.05 -36.92 -14.50
N ASN A 388 -13.80 -36.58 -14.72
CA ASN A 388 -12.71 -37.54 -14.93
C ASN A 388 -12.88 -38.45 -16.15
N LYS A 389 -13.33 -37.87 -17.25
CA LYS A 389 -13.50 -38.60 -18.51
C LYS A 389 -12.90 -37.80 -19.63
N GLU A 390 -12.44 -38.48 -20.69
CA GLU A 390 -11.84 -37.75 -21.80
C GLU A 390 -12.87 -36.87 -22.47
N TRP A 391 -12.44 -35.69 -22.92
CA TRP A 391 -13.35 -34.64 -23.43
C TRP A 391 -12.80 -33.97 -24.68
N ARG A 392 -13.68 -33.62 -25.62
CA ARG A 392 -13.29 -32.93 -26.86
C ARG A 392 -14.16 -31.70 -27.13
N PRO A 393 -13.56 -30.63 -27.71
CA PRO A 393 -14.31 -29.41 -28.06
C PRO A 393 -15.26 -29.61 -29.25
C GLU A 397 -20.28 -30.53 -21.52
N PRO A 398 -20.19 -29.50 -20.67
CA PRO A 398 -18.97 -28.71 -20.52
C PRO A 398 -17.80 -29.50 -19.88
N CYS A 399 -16.56 -29.08 -20.17
CA CYS A 399 -15.40 -29.76 -19.64
C CYS A 399 -15.20 -29.42 -18.15
N ALA A 400 -15.66 -28.23 -17.76
CA ALA A 400 -15.61 -27.77 -16.37
C ALA A 400 -17.01 -27.49 -15.88
N HIS A 401 -17.26 -27.72 -14.58
CA HIS A 401 -18.55 -27.38 -14.05
C HIS A 401 -18.74 -25.82 -14.08
N PRO A 402 -19.98 -25.36 -14.40
CA PRO A 402 -20.18 -23.92 -14.44
C PRO A 402 -19.82 -23.15 -13.14
N ASN A 403 -19.88 -23.83 -11.99
CA ASN A 403 -19.52 -23.19 -10.72
C ASN A 403 -18.15 -23.66 -10.24
N SER A 404 -17.35 -24.21 -11.15
CA SER A 404 -15.96 -24.55 -10.83
C SER A 404 -15.21 -23.30 -10.48
N ARG A 405 -14.14 -23.50 -9.70
CA ARG A 405 -13.42 -22.43 -9.01
C ARG A 405 -11.93 -22.49 -8.96
N PHE A 406 -11.35 -21.32 -8.80
CA PHE A 406 -9.98 -21.20 -8.36
C PHE A 406 -9.95 -20.57 -6.96
N CYS A 407 -8.96 -20.97 -6.16
CA CYS A 407 -8.86 -20.50 -4.79
C CYS A 407 -7.40 -20.12 -4.63
N THR A 408 -7.15 -18.83 -4.58
CA THR A 408 -5.82 -18.30 -4.74
C THR A 408 -5.50 -17.19 -3.75
N PRO A 409 -4.21 -17.07 -3.33
CA PRO A 409 -3.81 -16.02 -2.39
C PRO A 409 -3.94 -14.64 -3.01
N ALA A 410 -4.53 -13.72 -2.29
CA ALA A 410 -4.74 -12.39 -2.82
C ALA A 410 -3.38 -11.68 -3.00
N SER A 411 -2.43 -11.96 -2.11
CA SER A 411 -1.08 -11.34 -2.19
C SER A 411 -0.38 -11.60 -3.52
N GLN A 412 -0.78 -12.65 -4.23
CA GLN A 412 -0.23 -12.96 -5.55
C GLN A 412 -0.81 -12.20 -6.72
N CYS A 413 -1.81 -11.36 -6.49
CA CYS A 413 -2.32 -10.60 -7.60
C CYS A 413 -1.29 -9.52 -8.01
N PRO A 414 -0.91 -9.51 -9.32
CA PRO A 414 0.10 -8.53 -9.76
C PRO A 414 -0.33 -7.10 -9.68
N ILE A 415 -1.64 -6.84 -9.60
CA ILE A 415 -2.12 -5.49 -9.29
C ILE A 415 -2.86 -5.37 -7.95
N ILE A 416 -2.47 -6.19 -6.95
CA ILE A 416 -3.01 -6.03 -5.60
C ILE A 416 -2.65 -4.65 -5.07
N ASP A 417 -3.64 -3.97 -4.51
CA ASP A 417 -3.48 -2.63 -3.98
C ASP A 417 -2.53 -2.56 -2.81
N PRO A 418 -1.67 -1.54 -2.82
CA PRO A 418 -0.75 -1.49 -1.68
C PRO A 418 -1.37 -1.37 -0.30
N ALA A 419 -2.62 -0.91 -0.25
CA ALA A 419 -3.31 -0.71 1.00
C ALA A 419 -4.35 -1.84 1.25
N TRP A 420 -4.26 -2.92 0.50
CA TRP A 420 -5.29 -3.98 0.58
C TRP A 420 -5.35 -4.59 1.98
N GLU A 421 -4.30 -4.42 2.78
CA GLU A 421 -4.28 -4.93 4.15
C GLU A 421 -4.08 -3.88 5.19
N SER A 422 -4.22 -2.64 4.81
CA SER A 422 -4.10 -1.56 5.76
CA SER A 422 -4.10 -1.56 5.75
C SER A 422 -5.22 -1.69 6.78
N PRO A 423 -4.86 -1.67 8.05
CA PRO A 423 -5.89 -1.98 9.05
C PRO A 423 -7.00 -0.97 9.23
N GLU A 424 -6.77 0.30 8.91
CA GLU A 424 -7.81 1.31 9.02
C GLU A 424 -8.77 1.30 7.80
N GLY A 425 -8.46 0.53 6.79
CA GLY A 425 -9.33 0.43 5.62
C GLY A 425 -9.04 1.56 4.61
N VAL A 426 -9.62 1.43 3.43
CA VAL A 426 -9.39 2.37 2.34
C VAL A 426 -10.63 3.26 2.23
N PRO A 427 -10.48 4.57 1.88
CA PRO A 427 -11.61 5.52 1.91
C PRO A 427 -12.44 5.45 0.63
N ILE A 428 -13.71 5.02 0.76
CA ILE A 428 -14.54 4.80 -0.39
C ILE A 428 -15.18 6.12 -0.80
N GLU A 429 -15.04 6.49 -2.07
CA GLU A 429 -15.64 7.72 -2.55
C GLU A 429 -16.80 7.51 -3.53
N GLY A 430 -17.02 6.28 -3.95
CA GLY A 430 -18.16 5.99 -4.84
C GLY A 430 -18.57 4.56 -4.60
N ILE A 431 -19.89 4.31 -4.71
CA ILE A 431 -20.40 3.01 -4.58
C ILE A 431 -21.15 2.76 -5.91
N ILE A 432 -20.85 1.65 -6.58
CA ILE A 432 -21.41 1.31 -7.90
C ILE A 432 -22.29 0.08 -7.77
N PHE A 433 -23.51 0.17 -8.27
CA PHE A 433 -24.43 -0.93 -8.42
C PHE A 433 -24.39 -1.29 -9.89
N GLY A 434 -24.86 -2.47 -10.25
CA GLY A 434 -24.95 -2.83 -11.66
C GLY A 434 -25.61 -4.16 -11.89
N GLY A 435 -26.06 -4.36 -13.11
CA GLY A 435 -26.67 -5.62 -13.51
C GLY A 435 -26.63 -5.69 -15.01
N ARG A 436 -26.83 -6.90 -15.49
CA ARG A 436 -26.87 -7.19 -16.94
C ARG A 436 -28.26 -6.88 -17.49
N ARG A 437 -28.42 -5.82 -18.28
CA ARG A 437 -29.73 -5.42 -18.88
C ARG A 437 -29.52 -5.24 -20.39
N PRO A 438 -30.08 -6.18 -21.17
CA PRO A 438 -29.91 -6.01 -22.64
C PRO A 438 -30.68 -4.87 -23.26
N ALA A 439 -31.68 -4.36 -22.57
CA ALA A 439 -32.44 -3.20 -23.05
C ALA A 439 -32.66 -2.16 -21.98
N GLY A 440 -32.89 -0.93 -22.40
CA GLY A 440 -33.49 0.11 -21.54
C GLY A 440 -32.56 0.92 -20.64
N VAL A 441 -31.60 0.21 -20.09
CA VAL A 441 -30.78 0.80 -19.02
C VAL A 441 -29.50 1.31 -19.61
N PRO A 442 -29.23 2.59 -19.43
CA PRO A 442 -27.94 3.18 -19.89
C PRO A 442 -26.63 2.55 -19.31
N LEU A 443 -25.55 2.74 -20.07
CA LEU A 443 -24.20 2.33 -19.68
C LEU A 443 -23.84 2.75 -18.25
N VAL A 444 -24.11 4.00 -17.93
CA VAL A 444 -23.91 4.47 -16.60
C VAL A 444 -24.80 5.64 -16.28
N TYR A 445 -25.26 5.71 -15.02
CA TYR A 445 -25.87 6.87 -14.49
C TYR A 445 -25.52 7.04 -13.02
N GLU A 446 -25.71 8.25 -12.55
CA GLU A 446 -25.44 8.67 -11.21
C GLU A 446 -26.72 9.03 -10.44
N ALA A 447 -26.85 8.50 -9.23
CA ALA A 447 -27.96 8.79 -8.36
C ALA A 447 -28.04 10.22 -7.92
N LEU A 448 -29.26 10.68 -7.70
CA LEU A 448 -29.54 12.12 -7.42
C LEU A 448 -29.31 12.55 -5.99
N SER A 449 -29.20 11.55 -5.11
CA SER A 449 -29.10 11.75 -3.69
C SER A 449 -28.76 10.39 -3.05
N TRP A 450 -28.48 10.41 -1.75
CA TRP A 450 -28.24 9.19 -1.00
C TRP A 450 -29.51 8.31 -1.03
N GLN A 451 -30.63 8.94 -0.76
CA GLN A 451 -31.90 8.20 -0.73
C GLN A 451 -32.16 7.58 -2.10
N HIS A 452 -32.03 8.36 -3.19
CA HIS A 452 -32.13 7.82 -4.49
C HIS A 452 -31.18 6.65 -4.72
N GLY A 453 -29.94 6.84 -4.30
CA GLY A 453 -28.94 5.80 -4.42
C GLY A 453 -29.28 4.50 -3.73
N VAL A 454 -29.84 4.59 -2.55
CA VAL A 454 -30.33 3.41 -1.84
C VAL A 454 -31.46 2.72 -2.64
N PHE A 455 -32.38 3.53 -3.22
CA PHE A 455 -33.45 3.03 -4.10
C PHE A 455 -32.82 2.28 -5.31
N VAL A 456 -31.81 2.88 -5.92
CA VAL A 456 -31.12 2.28 -7.06
C VAL A 456 -30.56 0.94 -6.67
N GLY A 457 -29.93 0.82 -5.48
CA GLY A 457 -29.55 -0.49 -4.98
C GLY A 457 -30.67 -1.50 -4.86
N ALA A 458 -31.73 -1.01 -4.23
CA ALA A 458 -32.94 -1.82 -4.05
C ALA A 458 -33.56 -2.35 -5.29
N ALA A 459 -33.46 -1.54 -6.34
CA ALA A 459 -34.15 -1.79 -7.62
C ALA A 459 -33.32 -2.65 -8.53
N MET A 460 -32.15 -3.12 -8.09
CA MET A 460 -31.25 -3.89 -8.98
C MET A 460 -31.90 -5.12 -9.56
N ARG A 461 -31.72 -5.26 -10.89
CA ARG A 461 -32.17 -6.45 -11.61
C ARG A 461 -31.08 -6.86 -12.61
N SER A 462 -31.09 -8.13 -13.01
CA SER A 462 -30.04 -8.64 -13.90
C SER A 462 -30.57 -9.85 -14.64
N GLU A 463 -30.24 -9.91 -15.94
CA GLU A 463 -30.52 -11.08 -16.74
C GLU A 463 -29.78 -12.32 -16.24
N ALA A 464 -30.51 -13.40 -15.96
CA ALA A 464 -29.84 -14.62 -15.46
C ALA A 464 -29.14 -15.29 -16.63
N THR A 465 -28.09 -16.04 -16.35
CA THR A 465 -27.45 -16.83 -17.40
C THR A 465 -28.44 -17.94 -17.84
N ALA A 466 -28.55 -18.20 -19.14
CA ALA A 466 -29.63 -19.07 -19.67
C ALA A 466 -29.45 -20.52 -19.26
N GLY A 472 -34.75 -19.46 -22.92
CA GLY A 472 -35.22 -18.08 -22.82
C GLY A 472 -34.62 -17.36 -21.62
N LYS A 473 -34.70 -16.05 -21.63
CA LYS A 473 -34.00 -15.26 -20.62
C LYS A 473 -34.97 -14.72 -19.59
N VAL A 474 -34.47 -14.64 -18.36
CA VAL A 474 -35.26 -14.14 -17.24
C VAL A 474 -34.49 -12.95 -16.64
N ILE A 475 -35.20 -11.91 -16.25
CA ILE A 475 -34.54 -10.77 -15.57
C ILE A 475 -35.02 -10.89 -14.13
N MET A 476 -34.07 -11.07 -13.21
CA MET A 476 -34.36 -11.34 -11.84
C MET A 476 -33.95 -10.14 -11.00
N HIS A 477 -34.63 -9.95 -9.88
CA HIS A 477 -34.28 -8.97 -8.89
CA HIS A 477 -34.26 -8.93 -8.93
C HIS A 477 -33.13 -9.48 -8.00
N ASP A 478 -32.18 -8.61 -7.72
CA ASP A 478 -31.05 -8.92 -6.83
C ASP A 478 -30.62 -7.68 -6.10
N PRO A 479 -31.49 -7.19 -5.17
CA PRO A 479 -31.16 -5.91 -4.48
C PRO A 479 -29.79 -5.90 -3.80
N PHE A 480 -28.98 -4.91 -4.14
CA PHE A 480 -27.64 -4.71 -3.58
C PHE A 480 -26.75 -5.92 -3.90
N ALA A 481 -27.13 -6.79 -4.84
CA ALA A 481 -26.45 -8.05 -5.09
C ALA A 481 -26.47 -8.98 -3.86
N MET A 482 -27.37 -8.69 -2.93
CA MET A 482 -27.38 -9.40 -1.65
C MET A 482 -28.51 -10.41 -1.48
N ARG A 483 -29.27 -10.67 -2.53
CA ARG A 483 -30.48 -11.48 -2.36
C ARG A 483 -30.25 -12.82 -1.65
N PRO A 484 -29.16 -13.56 -1.97
CA PRO A 484 -28.91 -14.83 -1.29
C PRO A 484 -28.23 -14.72 0.09
N PHE A 485 -27.89 -13.48 0.47
CA PHE A 485 -26.93 -13.20 1.55
C PHE A 485 -27.45 -12.34 2.68
N PHE A 486 -28.66 -11.80 2.64
CA PHE A 486 -29.12 -10.92 3.75
C PHE A 486 -29.07 -11.69 5.07
N GLY A 487 -28.53 -11.06 6.09
CA GLY A 487 -28.52 -11.71 7.40
C GLY A 487 -29.74 -11.44 8.25
N TYR A 488 -30.63 -10.57 7.76
CA TYR A 488 -31.78 -10.09 8.49
C TYR A 488 -32.74 -9.43 7.49
N ASN A 489 -33.85 -8.94 7.98
CA ASN A 489 -34.96 -8.39 7.17
C ASN A 489 -34.47 -7.31 6.26
N PHE A 490 -34.62 -7.53 4.95
CA PHE A 490 -34.17 -6.55 3.95
C PHE A 490 -34.77 -5.16 4.10
N GLY A 491 -36.02 -5.04 4.54
CA GLY A 491 -36.58 -3.73 4.86
C GLY A 491 -35.78 -2.98 5.88
N LYS A 492 -35.38 -3.72 6.90
CA LYS A 492 -34.58 -3.10 7.95
CA LYS A 492 -34.57 -3.12 7.97
C LYS A 492 -33.17 -2.78 7.49
N TYR A 493 -32.68 -3.59 6.54
CA TYR A 493 -31.39 -3.29 5.90
C TYR A 493 -31.45 -1.99 5.14
N LEU A 494 -32.51 -1.76 4.39
CA LEU A 494 -32.72 -0.53 3.68
C LEU A 494 -32.80 0.66 4.67
N ALA A 495 -33.52 0.47 5.77
CA ALA A 495 -33.59 1.53 6.78
C ALA A 495 -32.20 1.79 7.32
N HIS A 496 -31.40 0.74 7.52
CA HIS A 496 -30.05 0.92 8.00
C HIS A 496 -29.20 1.74 7.07
N TRP A 497 -29.25 1.44 5.76
CA TRP A 497 -28.54 2.24 4.80
C TRP A 497 -29.03 3.68 4.78
N LEU A 498 -30.32 3.93 4.82
CA LEU A 498 -30.93 5.26 4.84
C LEU A 498 -30.45 6.06 6.04
N SER A 499 -30.21 5.37 7.15
CA SER A 499 -29.90 6.05 8.43
C SER A 499 -28.56 6.72 8.31
N MET A 500 -27.72 6.25 7.41
CA MET A 500 -26.36 6.84 7.25
C MET A 500 -26.44 8.33 6.95
N ALA A 501 -27.51 8.77 6.32
CA ALA A 501 -27.66 10.21 5.98
C ALA A 501 -27.83 11.08 7.22
N HIS A 502 -28.18 10.50 8.34
CA HIS A 502 -28.42 11.26 9.59
C HIS A 502 -27.28 11.12 10.59
N ARG A 503 -26.22 10.41 10.21
CA ARG A 503 -25.09 10.16 11.07
C ARG A 503 -24.30 11.46 11.04
N PRO A 504 -24.03 12.03 12.23
CA PRO A 504 -23.28 13.29 12.18
C PRO A 504 -21.89 13.08 11.54
N ALA A 505 -21.53 13.96 10.60
CA ALA A 505 -20.17 14.00 10.00
C ALA A 505 -19.97 13.17 8.72
N ALA A 506 -20.90 12.24 8.45
CA ALA A 506 -20.67 11.19 7.44
C ALA A 506 -20.59 11.78 6.05
N LYS A 507 -19.55 11.42 5.33
CA LYS A 507 -19.38 11.87 4.01
C LYS A 507 -19.92 10.80 3.10
N LEU A 508 -21.11 11.02 2.59
CA LEU A 508 -21.82 9.97 1.88
C LEU A 508 -21.23 9.90 0.49
N PRO A 509 -20.72 8.72 0.09
CA PRO A 509 -20.19 8.60 -1.26
C PRO A 509 -21.24 8.75 -2.31
N LYS A 510 -20.79 9.17 -3.47
CA LYS A 510 -21.60 9.20 -4.68
C LYS A 510 -21.96 7.78 -5.11
N ILE A 511 -23.17 7.60 -5.53
CA ILE A 511 -23.71 6.32 -6.01
C ILE A 511 -23.98 6.31 -7.53
N PHE A 512 -23.52 5.25 -8.17
CA PHE A 512 -23.67 5.05 -9.64
C PHE A 512 -24.30 3.72 -9.94
N HIS A 513 -24.85 3.56 -11.14
CA HIS A 513 -25.29 2.29 -11.61
C HIS A 513 -24.68 2.08 -12.98
N VAL A 514 -24.19 0.87 -13.23
CA VAL A 514 -23.62 0.50 -14.55
C VAL A 514 -24.30 -0.66 -15.22
N ASN A 515 -24.15 -0.75 -16.56
CA ASN A 515 -24.68 -1.85 -17.33
C ASN A 515 -23.78 -2.02 -18.54
N TRP A 516 -23.03 -3.09 -18.58
CA TRP A 516 -22.12 -3.30 -19.71
C TRP A 516 -22.83 -4.00 -20.86
N PHE A 517 -24.08 -4.39 -20.69
CA PHE A 517 -24.71 -5.47 -21.49
C PHE A 517 -25.74 -4.95 -22.48
N ARG A 518 -25.94 -3.64 -22.58
CA ARG A 518 -27.02 -3.08 -23.41
C ARG A 518 -26.79 -3.52 -24.88
N LYS A 519 -27.84 -4.01 -25.53
CA LYS A 519 -27.74 -4.55 -26.91
C LYS A 519 -28.56 -3.70 -27.88
N ASP A 520 -28.09 -3.62 -29.13
CA ASP A 520 -28.91 -2.99 -30.17
C ASP A 520 -30.02 -3.95 -30.63
N LYS A 521 -30.83 -3.52 -31.59
CA LYS A 521 -31.93 -4.36 -32.08
C LYS A 521 -31.50 -5.70 -32.70
N ASN A 522 -30.21 -5.85 -33.03
CA ASN A 522 -29.71 -7.14 -33.56
C ASN A 522 -29.14 -8.09 -32.50
N GLY A 523 -29.10 -7.63 -31.24
CA GLY A 523 -28.50 -8.42 -30.19
C GLY A 523 -27.00 -8.18 -30.05
N LYS A 524 -26.47 -7.15 -30.71
CA LYS A 524 -25.01 -6.87 -30.59
C LYS A 524 -24.74 -5.93 -29.43
N PHE A 525 -23.73 -6.22 -28.62
CA PHE A 525 -23.33 -5.27 -27.56
C PHE A 525 -23.03 -3.87 -28.12
N LEU A 526 -23.68 -2.88 -27.53
CA LEU A 526 -23.46 -1.48 -27.80
C LEU A 526 -22.17 -0.95 -27.22
N TRP A 527 -21.61 -1.64 -26.23
CA TRP A 527 -20.40 -1.18 -25.56
C TRP A 527 -19.40 -2.36 -25.54
N PRO A 528 -18.13 -2.07 -25.85
CA PRO A 528 -17.14 -3.12 -25.99
C PRO A 528 -16.72 -3.80 -24.70
N GLY A 529 -16.79 -3.04 -23.60
CA GLY A 529 -16.49 -3.60 -22.29
C GLY A 529 -15.06 -3.97 -22.04
N PHE A 530 -14.90 -4.94 -21.14
CA PHE A 530 -13.59 -5.36 -20.64
C PHE A 530 -12.81 -4.13 -20.20
N GLY A 531 -11.57 -3.98 -20.64
CA GLY A 531 -10.79 -2.85 -20.13
C GLY A 531 -11.31 -1.50 -20.65
N GLU A 532 -12.20 -1.48 -21.63
CA GLU A 532 -12.81 -0.20 -22.04
C GLU A 532 -13.69 0.38 -20.93
N ASN A 533 -14.07 -0.46 -19.96
CA ASN A 533 -14.88 0.00 -18.82
C ASN A 533 -14.13 1.03 -17.97
N SER A 534 -12.81 1.09 -18.11
CA SER A 534 -12.06 2.18 -17.52
C SER A 534 -12.58 3.58 -17.98
N ARG A 535 -13.22 3.65 -19.16
CA ARG A 535 -13.77 4.95 -19.66
C ARG A 535 -14.95 5.40 -18.79
N VAL A 536 -15.70 4.43 -18.29
CA VAL A 536 -16.80 4.74 -17.38
C VAL A 536 -16.24 5.13 -16.01
N LEU A 537 -15.25 4.37 -15.52
CA LEU A 537 -14.59 4.74 -14.26
C LEU A 537 -13.97 6.14 -14.25
N GLU A 538 -13.45 6.54 -15.43
CA GLU A 538 -12.96 7.88 -15.61
C GLU A 538 -14.06 8.92 -15.39
N TRP A 539 -15.25 8.68 -15.94
CA TRP A 539 -16.34 9.64 -15.76
C TRP A 539 -16.74 9.73 -14.30
N MET A 540 -16.83 8.57 -13.65
CA MET A 540 -17.16 8.60 -12.25
C MET A 540 -16.20 9.39 -11.40
N PHE A 541 -14.91 9.20 -11.67
CA PHE A 541 -13.88 9.87 -10.97
C PHE A 541 -14.00 11.43 -11.05
N GLY A 542 -14.19 11.89 -12.26
CA GLY A 542 -14.45 13.31 -12.49
C GLY A 542 -15.68 13.83 -11.80
N ARG A 543 -16.78 13.05 -11.84
CA ARG A 543 -17.98 13.47 -11.12
C ARG A 543 -17.72 13.57 -9.62
N ILE A 544 -16.97 12.63 -9.04
CA ILE A 544 -16.61 12.75 -7.64
C ILE A 544 -15.79 14.00 -7.34
N GLU A 545 -14.99 14.43 -8.31
CA GLU A 545 -14.18 15.66 -8.16
C GLU A 545 -15.01 16.92 -8.39
N GLY A 546 -16.25 16.79 -8.86
CA GLY A 546 -17.11 17.95 -8.99
C GLY A 546 -17.17 18.49 -10.38
N GLU A 547 -16.69 17.72 -11.35
CA GLU A 547 -16.71 18.16 -12.72
C GLU A 547 -18.14 18.24 -13.24
N ASP A 548 -18.38 19.27 -14.06
CA ASP A 548 -19.68 19.56 -14.66
C ASP A 548 -19.81 18.75 -15.95
N SER A 549 -19.77 17.42 -15.78
CA SER A 549 -19.70 16.48 -16.87
C SER A 549 -20.98 15.66 -16.97
N ALA A 550 -22.04 16.12 -16.31
CA ALA A 550 -23.32 15.36 -16.23
C ALA A 550 -24.53 16.09 -16.77
N LYS A 551 -25.44 15.33 -17.34
CA LYS A 551 -26.71 15.83 -17.82
C LYS A 551 -27.82 15.14 -17.00
N LEU A 552 -28.78 15.92 -16.53
CA LEU A 552 -29.87 15.41 -15.74
C LEU A 552 -30.87 14.73 -16.62
N THR A 553 -31.34 13.57 -16.20
CA THR A 553 -32.41 12.82 -16.83
C THR A 553 -33.36 12.32 -15.76
N PRO A 554 -34.50 11.74 -16.16
CA PRO A 554 -35.39 11.23 -15.12
C PRO A 554 -34.82 10.16 -14.22
N ILE A 555 -33.84 9.40 -14.69
CA ILE A 555 -33.37 8.27 -13.90
C ILE A 555 -32.16 8.67 -13.07
N GLY A 556 -31.64 9.86 -13.27
CA GLY A 556 -30.39 10.28 -12.68
C GLY A 556 -29.51 11.03 -13.64
N TYR A 557 -28.27 11.28 -13.25
CA TYR A 557 -27.33 11.93 -14.14
C TYR A 557 -26.68 10.98 -15.08
N VAL A 558 -26.54 11.38 -16.35
CA VAL A 558 -25.73 10.64 -17.34
C VAL A 558 -24.62 11.54 -17.85
N PRO A 559 -23.60 10.94 -18.49
CA PRO A 559 -22.56 11.79 -19.05
C PRO A 559 -23.15 12.74 -20.10
N LYS A 560 -22.69 13.96 -20.07
CA LYS A 560 -22.98 14.91 -21.19
C LYS A 560 -22.43 14.36 -22.48
N GLU A 561 -22.95 14.89 -23.58
CA GLU A 561 -22.36 14.58 -24.87
C GLU A 561 -20.90 15.03 -24.81
N ASP A 562 -20.05 14.18 -25.37
CA ASP A 562 -18.60 14.37 -25.44
C ASP A 562 -17.93 14.24 -24.08
N ALA A 563 -18.67 13.86 -23.04
CA ALA A 563 -18.01 13.75 -21.73
C ALA A 563 -17.27 12.43 -21.61
N LEU A 564 -17.74 11.36 -22.25
CA LEU A 564 -17.02 10.07 -22.18
C LEU A 564 -15.87 10.10 -23.17
N ASN A 565 -14.70 9.65 -22.73
CA ASN A 565 -13.57 9.48 -23.60
C ASN A 565 -13.80 8.24 -24.46
N LEU A 566 -14.02 8.46 -25.75
CA LEU A 566 -14.25 7.38 -26.69
C LEU A 566 -13.04 7.23 -27.63
N LYS A 567 -11.94 7.92 -27.31
CA LYS A 567 -10.77 7.91 -28.17
C LYS A 567 -10.24 6.49 -28.25
N GLY A 568 -10.11 5.96 -29.45
CA GLY A 568 -9.66 4.58 -29.61
C GLY A 568 -10.79 3.63 -29.90
N LEU A 569 -12.04 4.06 -29.68
CA LEU A 569 -13.19 3.15 -29.90
C LEU A 569 -13.85 3.19 -31.25
N GLY A 570 -13.51 4.21 -32.02
CA GLY A 570 -14.29 4.47 -33.22
C GLY A 570 -15.68 5.00 -32.91
N ASP A 571 -16.67 4.58 -33.69
CA ASP A 571 -17.97 5.21 -33.65
C ASP A 571 -18.88 4.43 -32.70
N VAL A 572 -18.82 4.80 -31.44
CA VAL A 572 -19.71 4.21 -30.44
C VAL A 572 -21.05 4.91 -30.54
N ASN A 573 -22.14 4.15 -30.58
CA ASN A 573 -23.46 4.72 -30.67
C ASN A 573 -23.94 5.17 -29.29
N VAL A 574 -23.46 6.32 -28.85
CA VAL A 574 -23.83 6.84 -27.53
C VAL A 574 -25.32 7.20 -27.46
N GLU A 575 -25.89 7.58 -28.59
CA GLU A 575 -27.31 7.92 -28.67
C GLU A 575 -28.14 6.74 -28.16
N GLU A 576 -27.88 5.53 -28.65
CA GLU A 576 -28.67 4.36 -28.24
C GLU A 576 -28.19 3.90 -26.86
N LEU A 577 -26.89 4.00 -26.62
CA LEU A 577 -26.33 3.49 -25.36
C LEU A 577 -26.85 4.24 -24.15
N PHE A 578 -27.16 5.52 -24.33
CA PHE A 578 -27.73 6.36 -23.27
C PHE A 578 -29.18 6.72 -23.45
N GLY A 579 -29.84 6.09 -24.41
CA GLY A 579 -31.25 6.34 -24.65
C GLY A 579 -32.13 5.94 -23.48
N ILE A 580 -33.08 6.82 -23.15
CA ILE A 580 -34.06 6.58 -22.10
C ILE A 580 -35.44 6.68 -22.73
N SER A 581 -36.15 5.58 -22.75
CA SER A 581 -37.48 5.46 -23.28
C SER A 581 -38.53 5.57 -22.17
N LYS A 582 -39.50 6.47 -22.33
CA LYS A 582 -40.59 6.55 -21.38
C LYS A 582 -41.31 5.22 -21.24
N GLU A 583 -41.54 4.51 -22.35
CA GLU A 583 -42.26 3.26 -22.29
C GLU A 583 -41.52 2.20 -21.46
N PHE A 584 -40.21 2.12 -21.67
CA PHE A 584 -39.36 1.16 -20.98
C PHE A 584 -39.42 1.46 -19.48
N TRP A 585 -39.23 2.72 -19.17
CA TRP A 585 -39.14 3.14 -17.74
C TRP A 585 -40.48 3.12 -17.04
N GLU A 586 -41.58 3.39 -17.74
CA GLU A 586 -42.88 3.10 -17.15
C GLU A 586 -43.02 1.63 -16.72
N LYS A 587 -42.67 0.69 -17.60
CA LYS A 587 -42.74 -0.71 -17.28
CA LYS A 587 -42.74 -0.75 -17.30
C LYS A 587 -41.76 -1.04 -16.12
N GLU A 588 -40.61 -0.41 -16.16
CA GLU A 588 -39.61 -0.73 -15.16
C GLU A 588 -40.07 -0.33 -13.76
N VAL A 589 -40.62 0.86 -13.66
CA VAL A 589 -41.12 1.34 -12.37
C VAL A 589 -42.24 0.48 -11.87
N GLU A 590 -43.13 0.04 -12.75
CA GLU A 590 -44.20 -0.83 -12.30
C GLU A 590 -43.64 -2.17 -11.75
N GLU A 591 -42.67 -2.78 -12.46
CA GLU A 591 -42.08 -4.05 -11.99
CA GLU A 591 -42.05 -3.98 -12.05
C GLU A 591 -41.37 -3.84 -10.64
N ILE A 592 -40.66 -2.71 -10.46
CA ILE A 592 -39.99 -2.45 -9.18
C ILE A 592 -41.01 -2.25 -8.08
N ASP A 593 -42.09 -1.51 -8.37
CA ASP A 593 -43.20 -1.32 -7.42
C ASP A 593 -43.77 -2.63 -6.99
N LYS A 594 -44.16 -3.48 -7.92
CA LYS A 594 -44.84 -4.72 -7.57
C LYS A 594 -43.91 -5.60 -6.74
N TYR A 595 -42.62 -5.54 -7.07
CA TYR A 595 -41.62 -6.35 -6.40
C TYR A 595 -41.42 -5.89 -4.95
N LEU A 596 -41.22 -4.59 -4.78
CA LEU A 596 -41.02 -4.10 -3.43
C LEU A 596 -42.25 -4.24 -2.56
N GLU A 597 -43.41 -4.02 -3.15
CA GLU A 597 -44.65 -4.20 -2.39
C GLU A 597 -44.80 -5.63 -1.88
N ASP A 598 -44.56 -6.60 -2.74
CA ASP A 598 -44.69 -7.99 -2.39
C ASP A 598 -43.63 -8.41 -1.41
N GLN A 599 -42.37 -8.20 -1.78
CA GLN A 599 -41.25 -8.81 -1.03
C GLN A 599 -40.87 -8.06 0.22
N VAL A 600 -41.11 -6.77 0.28
CA VAL A 600 -40.71 -5.95 1.44
C VAL A 600 -41.94 -5.57 2.22
N ASN A 601 -43.05 -5.24 1.52
CA ASN A 601 -44.39 -5.17 2.17
C ASN A 601 -44.35 -4.15 3.33
N ALA A 602 -44.73 -4.60 4.52
CA ALA A 602 -44.86 -3.66 5.65
C ALA A 602 -43.54 -3.05 6.09
N ASP A 603 -42.42 -3.67 5.74
CA ASP A 603 -41.11 -3.17 6.17
C ASP A 603 -40.43 -2.27 5.16
N LEU A 604 -41.13 -1.86 4.10
CA LEU A 604 -40.53 -0.98 3.09
C LEU A 604 -40.42 0.43 3.68
N PRO A 605 -39.19 0.97 3.75
CA PRO A 605 -39.12 2.29 4.36
C PRO A 605 -39.79 3.38 3.54
N TYR A 606 -40.34 4.38 4.26
CA TYR A 606 -40.98 5.55 3.66
C TYR A 606 -40.14 6.17 2.56
N GLU A 607 -38.83 6.34 2.82
CA GLU A 607 -38.01 7.04 1.84
C GLU A 607 -37.83 6.27 0.52
N ILE A 608 -37.94 4.93 0.60
CA ILE A 608 -37.80 4.14 -0.62
C ILE A 608 -39.11 4.23 -1.42
N GLU A 609 -40.23 4.16 -0.74
CA GLU A 609 -41.52 4.42 -1.44
C GLU A 609 -41.55 5.82 -2.07
N ARG A 610 -41.00 6.80 -1.36
CA ARG A 610 -40.93 8.16 -1.87
C ARG A 610 -40.06 8.25 -3.10
N GLU A 611 -38.90 7.56 -3.09
CA GLU A 611 -38.05 7.57 -4.30
C GLU A 611 -38.71 6.86 -5.48
N LEU A 612 -39.51 5.84 -5.21
CA LEU A 612 -40.25 5.11 -6.26
C LEU A 612 -41.29 6.07 -6.87
N ARG A 613 -42.06 6.74 -6.00
CA ARG A 613 -43.02 7.70 -6.48
CA ARG A 613 -43.02 7.76 -6.41
C ARG A 613 -42.34 8.84 -7.23
N ALA A 614 -41.21 9.34 -6.73
CA ALA A 614 -40.58 10.40 -7.45
C ALA A 614 -40.13 10.00 -8.84
N LEU A 615 -39.56 8.81 -8.97
CA LEU A 615 -39.09 8.34 -10.27
C LEU A 615 -40.31 8.16 -11.20
N LYS A 616 -41.38 7.58 -10.71
CA LYS A 616 -42.62 7.45 -11.54
C LYS A 616 -43.04 8.82 -12.04
N GLN A 617 -42.97 9.80 -11.15
CA GLN A 617 -43.37 11.16 -11.49
C GLN A 617 -42.49 11.80 -12.57
N ARG A 618 -41.17 11.65 -12.46
CA ARG A 618 -40.26 12.24 -13.44
C ARG A 618 -40.49 11.55 -14.81
N ILE A 619 -40.73 10.26 -14.76
CA ILE A 619 -40.98 9.51 -15.99
C ILE A 619 -42.31 9.98 -16.63
N SER A 620 -43.29 10.28 -15.79
CA SER A 620 -44.61 10.80 -16.29
C SER A 620 -44.50 12.11 -17.05
N GLN A 621 -43.47 12.92 -16.79
CA GLN A 621 -43.29 14.22 -17.44
C GLN A 621 -42.46 14.17 -18.73
N MET A 622 -42.03 12.97 -19.11
CA MET A 622 -41.36 12.78 -20.39
C MET A 622 -42.36 12.88 -21.53
N LEU B 9 21.64 -11.93 32.60
CA LEU B 9 21.39 -10.47 32.33
C LEU B 9 22.68 -9.67 32.06
N ASP B 10 23.75 -9.93 32.82
CA ASP B 10 25.06 -9.28 32.60
C ASP B 10 25.70 -9.89 31.35
N PHE B 11 25.88 -9.08 30.29
CA PHE B 11 26.35 -9.60 28.99
C PHE B 11 27.83 -9.34 28.83
N SER B 12 28.49 -8.98 29.91
CA SER B 12 29.93 -8.72 29.92
C SER B 12 30.75 -9.85 29.28
N ALA B 13 30.36 -11.10 29.50
CA ALA B 13 31.15 -12.23 29.00
C ALA B 13 31.12 -12.35 27.47
N LYS B 14 30.19 -11.63 26.82
CA LYS B 14 30.03 -11.69 25.39
C LYS B 14 30.65 -10.51 24.65
N VAL B 15 31.36 -9.63 25.36
CA VAL B 15 31.92 -8.43 24.74
C VAL B 15 33.26 -8.76 24.12
N ILE B 16 33.38 -8.59 22.81
CA ILE B 16 34.58 -8.93 22.10
C ILE B 16 35.42 -7.73 21.69
N GLN B 17 34.90 -6.53 21.88
CA GLN B 17 35.70 -5.32 21.81
C GLN B 17 35.07 -4.27 22.72
N GLY B 18 35.94 -3.59 23.45
CA GLY B 18 35.53 -2.60 24.46
C GLY B 18 35.06 -3.22 25.73
N SER B 19 34.33 -2.46 26.51
CA SER B 19 33.89 -2.90 27.83
C SER B 19 32.56 -2.24 28.17
N LEU B 20 31.62 -3.02 28.69
CA LEU B 20 30.39 -2.46 29.18
C LEU B 20 30.62 -1.49 30.33
N ASP B 21 31.67 -1.73 31.12
CA ASP B 21 31.99 -0.90 32.30
C ASP B 21 32.44 0.51 31.95
N SER B 22 33.05 0.67 30.79
CA SER B 22 33.51 1.98 30.34
C SER B 22 32.44 2.77 29.58
N LEU B 23 31.28 2.17 29.29
CA LEU B 23 30.20 2.92 28.67
C LEU B 23 29.52 3.83 29.70
N PRO B 24 29.02 4.99 29.27
CA PRO B 24 28.12 5.73 30.13
C PRO B 24 26.90 4.91 30.53
N GLN B 25 26.34 5.19 31.70
CA GLN B 25 25.32 4.39 32.30
C GLN B 25 24.16 4.08 31.39
N GLU B 26 23.63 5.13 30.75
CA GLU B 26 22.44 4.97 29.95
C GLU B 26 22.75 4.26 28.63
N VAL B 27 23.96 4.42 28.15
CA VAL B 27 24.42 3.66 26.94
C VAL B 27 24.54 2.18 27.30
N ARG B 28 25.12 1.86 28.47
CA ARG B 28 25.12 0.47 28.91
C ARG B 28 23.72 -0.12 29.02
N LYS B 29 22.78 0.59 29.63
CA LYS B 29 21.42 0.09 29.72
C LYS B 29 20.79 -0.21 28.37
N PHE B 30 21.04 0.68 27.43
CA PHE B 30 20.51 0.52 26.08
C PHE B 30 21.11 -0.74 25.39
N VAL B 31 22.41 -0.89 25.50
CA VAL B 31 23.15 -2.02 24.89
C VAL B 31 22.69 -3.33 25.56
N GLU B 32 22.73 -3.37 26.92
CA GLU B 32 22.37 -4.60 27.62
C GLU B 32 20.89 -4.99 27.49
N GLY B 33 19.98 -4.04 27.56
CA GLY B 33 18.59 -4.35 27.38
C GLY B 33 18.32 -4.94 26.04
N ASN B 34 18.93 -4.35 24.99
CA ASN B 34 18.76 -4.91 23.69
C ASN B 34 19.50 -6.21 23.37
N ALA B 35 20.60 -6.43 24.05
CA ALA B 35 21.26 -7.74 23.99
C ALA B 35 20.36 -8.81 24.63
N GLN B 36 19.74 -8.49 25.76
CA GLN B 36 18.81 -9.46 26.37
C GLN B 36 17.67 -9.77 25.43
N LEU B 37 17.12 -8.76 24.76
CA LEU B 37 16.03 -8.99 23.82
C LEU B 37 16.46 -9.75 22.58
N CYS B 38 17.49 -9.24 21.92
CA CYS B 38 17.84 -9.74 20.58
C CYS B 38 18.72 -10.99 20.58
N GLN B 39 19.36 -11.26 21.72
CA GLN B 39 20.20 -12.42 21.97
CA GLN B 39 20.17 -12.45 21.93
C GLN B 39 21.36 -12.60 20.97
N PRO B 40 22.14 -11.53 20.74
CA PRO B 40 23.35 -11.68 19.91
C PRO B 40 24.32 -12.63 20.55
N GLU B 41 25.11 -13.30 19.73
CA GLU B 41 26.22 -14.11 20.23
C GLU B 41 27.34 -13.28 20.89
N TYR B 42 27.67 -12.13 20.31
CA TYR B 42 28.77 -11.27 20.79
C TYR B 42 28.33 -9.80 20.72
N ILE B 43 29.00 -8.97 21.49
CA ILE B 43 28.82 -7.54 21.50
C ILE B 43 30.17 -6.93 21.13
N HIS B 44 30.21 -6.08 20.13
CA HIS B 44 31.40 -5.38 19.68
C HIS B 44 31.16 -3.89 19.77
N ILE B 45 31.82 -3.24 20.72
CA ILE B 45 31.71 -1.79 20.90
C ILE B 45 32.67 -1.17 19.92
N CYS B 46 32.15 -0.47 18.89
CA CYS B 46 33.03 0.04 17.86
C CYS B 46 33.95 1.16 18.34
N ASP B 47 35.19 1.16 17.87
CA ASP B 47 36.11 2.24 18.20
C ASP B 47 36.35 3.26 17.10
N GLY B 48 35.92 2.94 15.88
CA GLY B 48 36.05 3.83 14.73
C GLY B 48 37.42 3.83 14.12
N SER B 49 38.32 2.98 14.65
CA SER B 49 39.67 2.93 14.14
C SER B 49 39.81 2.40 12.72
N GLU B 50 40.93 2.74 12.09
CA GLU B 50 41.19 2.21 10.76
CA GLU B 50 41.19 2.22 10.77
C GLU B 50 41.37 0.69 10.78
N GLU B 51 41.96 0.17 11.86
CA GLU B 51 42.22 -1.28 11.98
C GLU B 51 40.90 -2.01 12.06
N GLU B 52 40.00 -1.50 12.90
CA GLU B 52 38.67 -2.06 13.02
C GLU B 52 38.01 -2.12 11.67
N TYR B 53 38.11 -1.02 10.95
CA TYR B 53 37.43 -0.93 9.67
C TYR B 53 38.00 -1.89 8.64
N GLY B 54 39.30 -1.87 8.50
CA GLY B 54 39.95 -2.77 7.50
C GLY B 54 39.65 -4.22 7.79
N ARG B 55 39.66 -4.58 9.05
CA ARG B 55 39.42 -5.96 9.47
CA ARG B 55 39.44 -5.96 9.44
C ARG B 55 37.97 -6.36 9.20
N LEU B 56 37.01 -5.48 9.49
CA LEU B 56 35.58 -5.70 9.11
C LEU B 56 35.35 -5.91 7.61
N LEU B 57 35.97 -5.07 6.78
CA LEU B 57 35.87 -5.21 5.33
C LEU B 57 36.45 -6.54 4.88
N ALA B 58 37.58 -6.92 5.42
CA ALA B 58 38.21 -8.18 4.97
C ALA B 58 37.37 -9.40 5.36
N HIS B 59 36.77 -9.35 6.53
CA HIS B 59 35.85 -10.36 7.02
C HIS B 59 34.61 -10.44 6.17
N MET B 60 34.04 -9.29 5.81
CA MET B 60 32.95 -9.31 4.88
C MET B 60 33.36 -9.93 3.54
N GLN B 61 34.56 -9.60 3.07
CA GLN B 61 35.12 -10.14 1.82
C GLN B 61 35.19 -11.68 1.97
N GLU B 62 35.69 -12.16 3.12
CA GLU B 62 35.76 -13.63 3.37
C GLU B 62 34.39 -14.35 3.30
N GLU B 63 33.33 -13.71 3.80
CA GLU B 63 31.97 -14.34 3.85
C GLU B 63 31.13 -14.10 2.60
N GLY B 64 31.78 -13.52 1.59
CA GLY B 64 31.12 -13.23 0.31
C GLY B 64 30.18 -12.04 0.29
N VAL B 65 30.19 -11.23 1.35
CA VAL B 65 29.26 -10.10 1.46
C VAL B 65 29.67 -8.89 0.64
N ILE B 66 30.97 -8.64 0.52
CA ILE B 66 31.50 -7.59 -0.37
C ILE B 66 32.63 -8.15 -1.22
N ARG B 67 32.94 -7.48 -2.33
CA ARG B 67 34.10 -7.77 -3.16
C ARG B 67 34.99 -6.51 -3.20
N LYS B 68 36.30 -6.70 -3.25
CA LYS B 68 37.22 -5.58 -3.44
CA LYS B 68 37.23 -5.60 -3.44
C LYS B 68 37.30 -5.17 -4.90
N LEU B 69 37.34 -3.85 -5.15
CA LEU B 69 37.39 -3.35 -6.49
C LEU B 69 38.85 -3.09 -6.82
N LYS B 70 39.44 -3.97 -7.62
CA LYS B 70 40.91 -3.99 -7.74
C LYS B 70 41.51 -2.79 -8.44
N LYS B 71 40.68 -2.05 -9.19
CA LYS B 71 41.12 -0.91 -9.98
C LYS B 71 41.48 0.28 -9.08
N TYR B 72 40.88 0.31 -7.87
CA TYR B 72 40.97 1.51 -7.04
C TYR B 72 41.67 1.25 -5.72
N ASP B 73 41.95 2.34 -5.02
CA ASP B 73 42.57 2.35 -3.70
C ASP B 73 41.48 2.10 -2.65
N ASN B 74 41.40 0.87 -2.14
CA ASN B 74 40.53 0.54 -0.99
C ASN B 74 39.06 0.89 -1.28
N CYS B 75 38.56 0.39 -2.40
CA CYS B 75 37.12 0.49 -2.72
C CYS B 75 36.53 -0.89 -2.81
N TRP B 76 35.21 -0.94 -2.54
CA TRP B 76 34.49 -2.16 -2.29
C TRP B 76 33.13 -2.11 -2.92
N LEU B 77 32.62 -3.30 -3.22
CA LEU B 77 31.36 -3.50 -3.89
C LEU B 77 30.48 -4.49 -3.17
N ALA B 78 29.24 -4.07 -2.87
CA ALA B 78 28.21 -4.93 -2.32
C ALA B 78 27.06 -5.03 -3.30
N LEU B 79 26.57 -6.25 -3.52
CA LEU B 79 25.42 -6.54 -4.39
C LEU B 79 24.36 -7.15 -3.51
N THR B 80 23.19 -6.53 -3.48
CA THR B 80 22.13 -6.93 -2.54
C THR B 80 21.18 -7.95 -3.09
N ASP B 81 20.37 -8.49 -2.19
CA ASP B 81 19.14 -9.22 -2.56
C ASP B 81 18.25 -8.18 -3.25
N PRO B 82 17.72 -8.48 -4.44
CA PRO B 82 16.95 -7.45 -5.17
C PRO B 82 15.63 -7.03 -4.51
N ARG B 83 15.21 -7.73 -3.45
CA ARG B 83 14.07 -7.32 -2.65
C ARG B 83 14.39 -6.20 -1.68
N ASP B 84 15.68 -5.92 -1.52
CA ASP B 84 16.16 -4.92 -0.57
C ASP B 84 17.09 -3.95 -1.26
N VAL B 85 16.52 -2.95 -1.91
CA VAL B 85 17.30 -2.05 -2.79
C VAL B 85 17.06 -0.55 -2.55
N ALA B 86 16.20 -0.20 -1.59
CA ALA B 86 15.72 1.15 -1.43
C ALA B 86 14.90 1.31 -0.17
N ARG B 87 14.75 2.58 0.20
CA ARG B 87 13.77 2.94 1.26
C ARG B 87 12.38 2.48 0.82
N ILE B 88 11.63 1.92 1.77
CA ILE B 88 10.25 1.53 1.51
C ILE B 88 9.32 2.45 2.33
N GLU B 89 8.66 3.39 1.66
CA GLU B 89 7.87 4.39 2.36
C GLU B 89 6.63 3.75 3.04
N SER B 90 6.05 2.72 2.43
CA SER B 90 4.87 2.09 2.98
C SER B 90 5.13 1.28 4.26
N LYS B 91 6.40 1.07 4.55
CA LYS B 91 6.80 0.41 5.78
C LYS B 91 7.62 1.35 6.68
N THR B 92 7.49 2.65 6.47
CA THR B 92 8.20 3.66 7.27
C THR B 92 7.13 4.41 8.06
N VAL B 93 7.22 4.39 9.39
CA VAL B 93 6.21 4.97 10.22
C VAL B 93 6.74 5.79 11.39
N ILE B 94 5.91 6.68 11.92
CA ILE B 94 6.19 7.46 13.12
C ILE B 94 5.07 7.17 14.11
N ILE B 95 5.50 6.93 15.34
CA ILE B 95 4.62 6.62 16.45
C ILE B 95 4.44 7.82 17.33
N THR B 96 3.20 8.27 17.54
CA THR B 96 2.83 9.30 18.51
C THR B 96 1.49 8.87 19.17
N GLN B 97 1.16 9.49 20.30
CA GLN B 97 -0.15 9.27 20.92
C GLN B 97 -1.31 9.59 19.97
N GLU B 98 -1.25 10.73 19.31
CA GLU B 98 -2.29 11.16 18.39
C GLU B 98 -1.76 11.22 16.98
N GLN B 99 -2.50 10.65 16.05
CA GLN B 99 -2.17 10.68 14.63
C GLN B 99 -1.89 12.08 14.12
N ARG B 100 -2.69 13.08 14.58
CA ARG B 100 -2.61 14.39 14.01
C ARG B 100 -1.28 15.06 14.39
N ASP B 101 -0.59 14.60 15.43
CA ASP B 101 0.72 15.18 15.77
C ASP B 101 1.77 14.79 14.75
N THR B 102 1.54 13.69 14.05
CA THR B 102 2.46 13.12 13.07
C THR B 102 2.13 13.52 11.62
N VAL B 103 0.84 13.52 11.24
CA VAL B 103 0.41 13.88 9.89
C VAL B 103 -0.85 14.68 10.04
N PRO B 104 -1.05 15.66 9.15
CA PRO B 104 -2.39 16.23 9.19
C PRO B 104 -3.42 15.18 8.75
N ILE B 105 -4.62 15.36 9.26
CA ILE B 105 -5.67 14.40 8.92
C ILE B 105 -6.26 14.81 7.58
N PRO B 106 -6.06 13.98 6.54
CA PRO B 106 -6.39 14.35 5.17
C PRO B 106 -7.89 14.35 4.96
N LYS B 107 -8.46 15.29 4.23
CA LYS B 107 -9.89 15.27 3.88
C LYS B 107 -10.27 14.02 3.10
N SER B 108 -9.33 13.44 2.37
CA SER B 108 -9.56 12.26 1.52
C SER B 108 -9.31 10.94 2.22
N GLY B 109 -8.62 10.99 3.37
CA GLY B 109 -8.36 9.82 4.17
C GLY B 109 -7.06 9.12 3.83
N GLN B 110 -6.35 9.55 2.77
CA GLN B 110 -5.01 9.02 2.54
C GLN B 110 -3.95 10.14 2.48
N SER B 111 -3.12 10.18 3.47
CA SER B 111 -2.08 11.18 3.53
C SER B 111 -0.94 10.81 2.60
N GLN B 112 -0.43 11.80 1.90
CA GLN B 112 0.85 11.67 1.22
C GLN B 112 2.00 12.26 2.04
N LEU B 113 1.76 12.69 3.29
CA LEU B 113 2.73 13.52 4.07
C LEU B 113 3.35 12.79 5.27
N GLY B 114 3.10 11.50 5.34
CA GLY B 114 3.69 10.69 6.39
C GLY B 114 2.80 9.50 6.64
N ARG B 115 3.20 8.69 7.61
CA ARG B 115 2.48 7.47 7.91
C ARG B 115 2.61 7.23 9.40
N TRP B 116 1.49 7.27 10.09
CA TRP B 116 1.45 7.09 11.51
C TRP B 116 1.12 5.70 11.91
N MET B 117 1.67 5.25 13.03
CA MET B 117 1.29 4.01 13.66
C MET B 117 1.05 4.25 15.13
N SER B 118 0.00 3.65 15.68
CA SER B 118 -0.21 3.79 17.08
C SER B 118 0.85 3.09 17.90
N GLU B 119 0.93 3.53 19.12
CA GLU B 119 1.81 2.93 20.10
C GLU B 119 1.52 1.43 20.26
N GLU B 120 0.23 1.13 20.40
CA GLU B 120 -0.16 -0.28 20.55
C GLU B 120 0.08 -1.13 19.33
N ASP B 121 -0.16 -0.63 18.12
CA ASP B 121 0.20 -1.39 16.95
C ASP B 121 1.71 -1.63 16.88
N PHE B 122 2.48 -0.59 17.25
CA PHE B 122 3.92 -0.73 17.17
C PHE B 122 4.46 -1.74 18.19
N GLU B 123 3.91 -1.76 19.39
CA GLU B 123 4.42 -2.73 20.37
CA GLU B 123 4.32 -2.73 20.41
C GLU B 123 4.15 -4.15 19.83
N LYS B 124 2.98 -4.38 19.25
CA LYS B 124 2.76 -5.66 18.64
C LYS B 124 3.78 -6.01 17.53
N ALA B 125 4.01 -5.03 16.66
CA ALA B 125 4.92 -5.22 15.56
C ALA B 125 6.31 -5.55 16.06
N PHE B 126 6.75 -4.78 17.04
CA PHE B 126 8.06 -4.90 17.69
C PHE B 126 8.26 -6.30 18.29
N ASN B 127 7.24 -6.76 19.03
CA ASN B 127 7.27 -8.07 19.67
C ASN B 127 7.25 -9.24 18.67
N ALA B 128 6.69 -9.03 17.46
CA ALA B 128 6.68 -10.02 16.40
C ALA B 128 8.00 -10.11 15.64
N ARG B 129 8.96 -9.25 15.97
CA ARG B 129 10.18 -9.10 15.17
C ARG B 129 11.45 -9.24 15.98
N PHE B 130 11.60 -8.42 17.01
CA PHE B 130 12.91 -8.33 17.66
C PHE B 130 13.35 -9.43 18.62
N PRO B 131 12.43 -10.03 19.41
CA PRO B 131 12.94 -11.10 20.27
C PRO B 131 13.73 -12.17 19.55
N GLY B 132 14.97 -12.40 20.01
CA GLY B 132 15.85 -13.41 19.43
C GLY B 132 16.48 -13.10 18.07
N CYS B 133 16.27 -11.89 17.55
CA CYS B 133 16.54 -11.61 16.14
C CYS B 133 18.03 -11.59 15.78
N MET B 134 18.90 -11.49 16.77
CA MET B 134 20.36 -11.45 16.48
C MET B 134 21.07 -12.75 16.87
N LYS B 135 20.29 -13.80 17.11
CA LYS B 135 20.90 -15.07 17.54
C LYS B 135 21.97 -15.46 16.53
N GLY B 136 23.13 -15.84 17.06
CA GLY B 136 24.22 -16.32 16.24
C GLY B 136 25.03 -15.18 15.58
N ARG B 137 24.70 -13.92 15.85
CA ARG B 137 25.37 -12.78 15.18
C ARG B 137 25.99 -11.87 16.22
N THR B 138 26.89 -11.00 15.77
CA THR B 138 27.43 -9.92 16.60
C THR B 138 26.52 -8.70 16.56
N MET B 139 26.27 -8.15 17.73
CA MET B 139 25.64 -6.83 17.87
C MET B 139 26.77 -5.82 17.94
N TYR B 140 26.92 -5.01 16.91
CA TYR B 140 27.88 -3.90 16.89
C TYR B 140 27.19 -2.70 17.52
N VAL B 141 27.96 -1.96 18.31
CA VAL B 141 27.50 -0.79 19.02
C VAL B 141 28.29 0.38 18.42
N ILE B 142 27.54 1.23 17.67
CA ILE B 142 28.12 2.34 16.88
C ILE B 142 27.82 3.67 17.59
N PRO B 143 28.87 4.25 18.23
CA PRO B 143 28.61 5.56 18.84
C PRO B 143 28.91 6.59 17.75
N PHE B 144 27.98 7.48 17.45
CA PHE B 144 28.19 8.38 16.35
C PHE B 144 27.65 9.79 16.63
N SER B 145 28.36 10.77 16.04
CA SER B 145 27.99 12.16 16.09
C SER B 145 27.48 12.56 14.70
N MET B 146 26.31 13.23 14.72
CA MET B 146 25.69 13.93 13.56
C MET B 146 26.05 15.38 13.72
N GLY B 147 27.01 15.75 12.85
CA GLY B 147 27.72 17.00 12.95
C GLY B 147 29.12 16.97 13.49
N PRO B 148 29.83 18.06 13.25
CA PRO B 148 31.20 18.04 13.75
C PRO B 148 31.25 17.73 15.26
N LEU B 149 32.23 16.90 15.66
CA LEU B 149 32.35 16.53 17.07
C LEU B 149 32.44 17.76 17.95
N GLY B 150 31.60 17.85 18.97
CA GLY B 150 31.60 19.05 19.82
C GLY B 150 31.12 20.39 19.24
N SER B 151 30.50 20.38 18.06
CA SER B 151 29.72 21.51 17.60
C SER B 151 28.54 21.65 18.52
N PRO B 152 28.16 22.88 18.89
CA PRO B 152 26.94 23.05 19.65
C PRO B 152 25.68 22.63 18.86
N LEU B 153 25.80 22.47 17.55
CA LEU B 153 24.65 22.04 16.78
C LEU B 153 24.61 20.53 16.53
N ALA B 154 25.66 19.82 16.93
CA ALA B 154 25.75 18.36 16.68
C ALA B 154 24.87 17.63 17.67
N LYS B 155 24.49 16.41 17.28
CA LYS B 155 23.71 15.52 18.14
C LYS B 155 24.31 14.12 18.05
N ILE B 156 24.29 13.38 19.14
CA ILE B 156 24.88 12.07 19.22
C ILE B 156 23.79 10.99 19.20
N GLY B 157 24.08 9.90 18.51
CA GLY B 157 23.30 8.68 18.61
C GLY B 157 24.17 7.48 18.95
N ILE B 158 23.50 6.37 19.28
CA ILE B 158 24.11 5.06 19.37
C ILE B 158 23.28 4.19 18.48
N GLU B 159 23.92 3.55 17.50
CA GLU B 159 23.19 2.55 16.67
C GLU B 159 23.69 1.15 17.02
N LEU B 160 22.73 0.27 17.38
CA LEU B 160 23.01 -1.17 17.51
C LEU B 160 22.58 -1.78 16.22
N THR B 161 23.41 -2.66 15.69
CA THR B 161 23.15 -3.33 14.45
C THR B 161 23.78 -4.69 14.45
N ASP B 162 23.20 -5.62 13.68
CA ASP B 162 23.81 -6.91 13.39
C ASP B 162 24.44 -6.98 11.99
N SER B 163 24.62 -5.81 11.32
CA SER B 163 25.16 -5.75 9.95
C SER B 163 26.54 -5.02 9.94
N PRO B 164 27.60 -5.79 9.59
CA PRO B 164 28.96 -5.20 9.37
C PRO B 164 28.93 -4.10 8.28
N TYR B 165 28.09 -4.32 7.30
CA TYR B 165 27.90 -3.40 6.14
C TYR B 165 27.44 -2.04 6.70
N VAL B 166 26.51 -2.06 7.65
CA VAL B 166 26.03 -0.87 8.30
C VAL B 166 27.19 -0.17 9.07
N VAL B 167 27.98 -0.99 9.79
CA VAL B 167 29.09 -0.42 10.56
C VAL B 167 30.04 0.32 9.65
N ALA B 168 30.43 -0.34 8.57
CA ALA B 168 31.39 0.25 7.62
C ALA B 168 30.84 1.56 7.01
N SER B 169 29.58 1.49 6.62
CA SER B 169 28.91 2.65 5.97
C SER B 169 28.71 3.77 6.97
N MET B 170 28.40 3.46 8.24
CA MET B 170 28.29 4.52 9.26
C MET B 170 29.61 5.20 9.57
N ARG B 171 30.70 4.45 9.44
CA ARG B 171 32.00 5.04 9.62
C ARG B 171 32.27 6.21 8.61
N ILE B 172 31.79 5.98 7.40
CA ILE B 172 31.91 6.95 6.32
C ILE B 172 30.93 8.12 6.53
N MET B 173 29.69 7.76 6.82
CA MET B 173 28.62 8.75 6.79
C MET B 173 28.36 9.56 8.03
N THR B 174 29.00 9.15 9.13
CA THR B 174 28.93 9.83 10.43
C THR B 174 30.32 9.88 10.99
N ARG B 175 30.48 10.63 12.08
CA ARG B 175 31.71 10.55 12.89
C ARG B 175 31.43 9.46 13.90
N MET B 176 32.24 8.38 13.90
CA MET B 176 31.92 7.29 14.83
C MET B 176 33.15 6.77 15.57
N GLY B 177 32.88 6.28 16.78
CA GLY B 177 33.95 5.65 17.58
C GLY B 177 34.15 6.19 18.95
N THR B 178 35.29 5.83 19.54
CA THR B 178 35.50 6.09 20.94
C THR B 178 35.44 7.58 21.31
N SER B 179 35.96 8.45 20.45
CA SER B 179 35.92 9.90 20.71
C SER B 179 34.53 10.40 20.95
N VAL B 180 33.55 9.76 20.30
CA VAL B 180 32.14 10.10 20.47
C VAL B 180 31.59 9.67 21.81
N LEU B 181 31.97 8.46 22.23
CA LEU B 181 31.60 8.04 23.58
C LEU B 181 32.15 9.00 24.64
N GLU B 182 33.38 9.41 24.44
CA GLU B 182 34.04 10.35 25.36
C GLU B 182 33.36 11.71 25.39
N ALA B 183 33.02 12.24 24.22
CA ALA B 183 32.25 13.50 24.11
C ALA B 183 30.81 13.39 24.70
N LEU B 184 30.18 12.26 24.50
CA LEU B 184 28.85 12.07 25.02
C LEU B 184 28.77 12.17 26.54
N GLY B 185 29.62 11.41 27.20
CA GLY B 185 29.57 11.32 28.67
C GLY B 185 28.20 10.89 29.12
N ASP B 186 27.65 11.59 30.09
CA ASP B 186 26.32 11.22 30.60
CA ASP B 186 26.34 11.31 30.66
C ASP B 186 25.19 12.01 29.93
N GLY B 187 25.50 12.61 28.80
CA GLY B 187 24.46 13.32 28.04
C GLY B 187 23.41 12.47 27.33
N GLU B 188 22.47 13.16 26.70
CA GLU B 188 21.35 12.53 25.98
C GLU B 188 21.82 12.06 24.58
N PHE B 189 21.21 10.99 24.08
CA PHE B 189 21.53 10.46 22.77
C PHE B 189 20.28 9.85 22.15
N ILE B 190 20.28 9.79 20.83
CA ILE B 190 19.21 9.09 20.14
C ILE B 190 19.55 7.61 20.09
N LYS B 191 18.56 6.84 20.53
CA LYS B 191 18.67 5.38 20.57
C LYS B 191 18.28 4.79 19.22
N CYS B 192 19.20 4.09 18.54
CA CYS B 192 18.95 3.59 17.19
C CYS B 192 19.17 2.08 17.22
N LEU B 193 18.09 1.32 16.98
CA LEU B 193 18.18 -0.13 16.96
C LEU B 193 17.88 -0.64 15.55
N HIS B 194 18.75 -1.47 15.06
CA HIS B 194 18.66 -2.08 13.74
C HIS B 194 18.98 -3.56 13.76
N SER B 195 18.13 -4.35 13.09
CA SER B 195 18.44 -5.76 12.69
C SER B 195 18.01 -6.08 11.30
N VAL B 196 18.86 -6.84 10.65
CA VAL B 196 18.56 -7.41 9.34
C VAL B 196 17.41 -8.46 9.49
N GLY B 197 17.11 -8.94 10.68
CA GLY B 197 15.95 -9.78 10.90
C GLY B 197 16.11 -11.21 10.42
N CYS B 198 17.34 -11.72 10.49
CA CYS B 198 17.70 -13.07 10.07
C CYS B 198 18.54 -13.78 11.12
N PRO B 199 17.95 -14.06 12.28
CA PRO B 199 18.68 -14.85 13.27
C PRO B 199 19.16 -16.20 12.68
N LEU B 200 20.29 -16.64 13.16
CA LEU B 200 20.81 -17.96 12.84
C LEU B 200 20.30 -19.01 13.86
N PRO B 201 20.04 -20.23 13.38
CA PRO B 201 20.17 -20.67 11.98
C PRO B 201 19.10 -20.06 11.08
N LEU B 202 19.47 -19.80 9.84
CA LEU B 202 18.57 -19.15 8.91
C LEU B 202 17.30 -19.97 8.69
N LYS B 203 16.18 -19.29 8.84
CA LYS B 203 14.87 -19.89 8.53
C LYS B 203 14.53 -19.82 7.07
N LYS B 204 15.06 -18.83 6.35
CA LYS B 204 14.80 -18.65 4.92
C LYS B 204 16.07 -18.55 4.14
N PRO B 205 16.00 -18.82 2.83
CA PRO B 205 17.15 -18.75 1.95
C PRO B 205 17.85 -17.37 1.96
N LEU B 206 19.17 -17.41 2.05
CA LEU B 206 19.99 -16.22 1.92
C LEU B 206 20.28 -16.00 0.42
N VAL B 207 19.93 -14.82 -0.08
CA VAL B 207 20.13 -14.47 -1.44
C VAL B 207 21.28 -13.48 -1.54
N ASN B 208 22.25 -13.78 -2.40
CA ASN B 208 23.34 -12.89 -2.69
C ASN B 208 24.12 -12.44 -1.45
N ASN B 209 24.21 -13.34 -0.47
CA ASN B 209 24.99 -13.11 0.74
C ASN B 209 24.54 -11.78 1.39
N TRP B 210 23.26 -11.50 1.29
CA TRP B 210 22.69 -10.22 1.74
C TRP B 210 21.51 -10.50 2.63
N ALA B 211 21.75 -10.48 3.94
CA ALA B 211 20.69 -10.75 4.92
C ALA B 211 19.64 -9.62 4.98
N CYS B 212 18.38 -10.02 4.91
CA CYS B 212 17.24 -9.15 4.98
C CYS B 212 15.96 -9.96 5.19
N ASN B 213 14.93 -9.26 5.58
CA ASN B 213 13.61 -9.87 5.82
C ASN B 213 12.52 -8.97 5.24
N PRO B 214 12.33 -9.03 3.92
CA PRO B 214 11.41 -8.10 3.28
C PRO B 214 10.01 -8.10 3.86
N GLU B 215 9.45 -9.28 4.16
CA GLU B 215 8.07 -9.33 4.62
C GLU B 215 7.87 -8.59 5.92
N LEU B 216 8.89 -8.58 6.80
CA LEU B 216 8.74 -7.95 8.10
C LEU B 216 9.45 -6.59 8.14
N THR B 217 9.84 -6.04 7.00
CA THR B 217 10.55 -4.78 7.01
C THR B 217 9.65 -3.70 7.62
N LEU B 218 10.23 -2.91 8.51
CA LEU B 218 9.51 -1.86 9.26
C LEU B 218 10.55 -0.89 9.84
N ILE B 219 10.40 0.38 9.43
CA ILE B 219 11.33 1.44 9.82
C ILE B 219 10.52 2.43 10.64
N ALA B 220 10.68 2.37 11.92
CA ALA B 220 9.84 3.09 12.87
C ALA B 220 10.63 4.17 13.66
N HIS B 221 9.93 5.26 14.00
CA HIS B 221 10.48 6.44 14.72
C HIS B 221 9.55 6.78 15.89
N LEU B 222 10.13 6.87 17.07
CA LEU B 222 9.39 7.18 18.30
C LEU B 222 9.97 8.48 18.84
N PRO B 223 9.54 9.63 18.29
CA PRO B 223 10.21 10.87 18.65
C PRO B 223 10.07 11.18 20.14
N ASP B 224 8.95 10.84 20.71
CA ASP B 224 8.75 11.09 22.15
C ASP B 224 9.72 10.30 23.04
N ARG B 225 10.21 9.17 22.57
CA ARG B 225 11.15 8.30 23.29
C ARG B 225 12.59 8.48 22.76
N ARG B 226 12.74 9.34 21.76
CA ARG B 226 14.03 9.59 21.12
C ARG B 226 14.60 8.25 20.61
N GLU B 227 13.76 7.44 20.01
CA GLU B 227 14.14 6.11 19.46
C GLU B 227 13.80 5.94 18.00
N ILE B 228 14.68 5.22 17.30
CA ILE B 228 14.51 4.80 15.95
C ILE B 228 14.71 3.30 16.01
N ILE B 229 13.76 2.54 15.46
CA ILE B 229 13.80 1.10 15.53
C ILE B 229 13.48 0.58 14.14
N SER B 230 14.45 -0.11 13.55
CA SER B 230 14.40 -0.53 12.16
C SER B 230 14.74 -2.00 11.97
N PHE B 231 13.84 -2.74 11.31
CA PHE B 231 13.93 -4.19 11.21
C PHE B 231 13.78 -4.63 9.75
N GLY B 232 14.65 -5.53 9.32
CA GLY B 232 14.45 -6.30 8.09
C GLY B 232 15.03 -5.80 6.80
N SER B 233 15.50 -4.55 6.74
CA SER B 233 16.25 -4.08 5.57
C SER B 233 17.67 -3.74 5.97
N GLY B 234 18.61 -4.15 5.13
CA GLY B 234 20.01 -3.78 5.31
C GLY B 234 20.45 -2.56 4.52
N TYR B 235 19.52 -1.91 3.81
CA TYR B 235 19.84 -0.92 2.79
C TYR B 235 19.76 0.53 3.24
N GLY B 236 20.79 1.30 2.92
CA GLY B 236 20.74 2.75 2.88
C GLY B 236 19.93 3.46 3.93
N GLY B 237 18.93 4.18 3.50
CA GLY B 237 18.11 4.94 4.39
C GLY B 237 17.29 4.14 5.40
N ASN B 238 17.19 2.85 5.25
CA ASN B 238 16.53 2.00 6.24
C ASN B 238 17.47 1.51 7.34
N SER B 239 18.76 1.47 7.06
CA SER B 239 19.73 0.86 7.99
C SER B 239 20.79 1.81 8.56
N LEU B 240 21.17 2.84 7.78
CA LEU B 240 22.12 3.84 8.21
C LEU B 240 21.24 4.86 8.92
N LEU B 241 21.03 4.68 10.22
CA LEU B 241 19.99 5.35 10.91
C LEU B 241 20.22 6.81 11.17
N GLY B 242 21.47 7.22 11.09
CA GLY B 242 21.83 8.63 11.26
C GLY B 242 21.21 9.55 10.21
N LYS B 243 21.05 9.03 9.01
CA LYS B 243 20.81 9.86 7.84
C LYS B 243 19.36 10.39 7.77
N LYS B 244 18.46 9.56 7.29
CA LYS B 244 17.08 10.01 7.18
C LYS B 244 16.31 9.88 8.49
N CYS B 245 16.45 8.73 9.13
CA CYS B 245 15.63 8.50 10.34
C CYS B 245 15.94 9.53 11.42
N PHE B 246 17.25 9.79 11.68
CA PHE B 246 17.70 10.70 12.73
C PHE B 246 17.74 12.11 12.14
N ALA B 247 18.55 12.31 11.10
CA ALA B 247 18.86 13.71 10.77
C ALA B 247 17.74 14.45 10.04
N LEU B 248 16.72 13.74 9.53
CA LEU B 248 15.49 14.39 9.11
C LEU B 248 14.32 14.11 10.02
N ARG B 249 13.94 12.86 10.21
CA ARG B 249 12.66 12.63 10.86
C ARG B 249 12.61 12.93 12.35
N ILE B 250 13.53 12.34 13.14
CA ILE B 250 13.64 12.71 14.52
C ILE B 250 14.10 14.15 14.69
N ALA B 251 15.08 14.54 13.88
CA ALA B 251 15.65 15.89 14.09
C ALA B 251 14.68 17.01 13.78
N SER B 252 13.82 16.79 12.77
CA SER B 252 12.84 17.82 12.40
C SER B 252 11.89 18.08 13.59
N ARG B 253 11.55 17.01 14.33
CA ARG B 253 10.71 17.18 15.54
C ARG B 253 11.51 17.88 16.68
N LEU B 254 12.75 17.50 16.89
CA LEU B 254 13.60 18.19 17.92
C LEU B 254 13.76 19.69 17.55
N ALA B 255 13.96 19.94 16.25
CA ALA B 255 14.07 21.29 15.74
C ALA B 255 12.85 22.14 15.98
N LYS B 256 11.68 21.55 15.77
CA LYS B 256 10.40 22.18 16.06
CA LYS B 256 10.39 22.16 16.09
C LYS B 256 10.33 22.56 17.56
N GLU B 257 10.72 21.62 18.40
CA GLU B 257 10.69 21.77 19.88
C GLU B 257 11.65 22.90 20.33
N GLU B 258 12.79 23.00 19.68
CA GLU B 258 13.98 23.76 20.12
C GLU B 258 14.28 25.04 19.36
N GLY B 259 13.54 25.28 18.30
CA GLY B 259 13.60 26.53 17.57
C GLY B 259 14.50 26.57 16.36
N TRP B 260 14.86 25.42 15.82
CA TRP B 260 15.75 25.37 14.67
C TRP B 260 15.12 24.59 13.50
N LEU B 261 15.88 24.31 12.46
CA LEU B 261 15.42 23.63 11.27
C LEU B 261 16.30 22.46 10.86
N ALA B 262 15.65 21.36 10.46
CA ALA B 262 16.34 20.19 9.98
C ALA B 262 15.73 19.85 8.67
N GLU B 263 16.52 20.01 7.60
CA GLU B 263 16.01 20.10 6.30
C GLU B 263 16.77 19.28 5.29
N HIS B 264 16.05 18.92 4.26
CA HIS B 264 16.61 18.14 3.13
C HIS B 264 17.25 19.06 2.11
N MET B 265 18.34 19.69 2.55
CA MET B 265 18.99 20.69 1.73
C MET B 265 20.52 20.42 1.66
N LEU B 266 21.03 20.58 0.44
CA LEU B 266 22.45 20.79 0.23
C LEU B 266 22.86 22.13 0.80
N ILE B 267 24.16 22.28 1.04
CA ILE B 267 24.79 23.53 1.47
C ILE B 267 26.05 23.72 0.60
N LEU B 268 26.12 24.86 -0.05
CA LEU B 268 27.32 25.23 -0.82
C LEU B 268 27.76 26.63 -0.52
N GLY B 269 29.04 26.88 -0.80
CA GLY B 269 29.64 28.20 -0.63
C GLY B 269 30.06 28.67 -2.00
N ILE B 270 29.67 29.87 -2.37
CA ILE B 270 29.97 30.40 -3.71
C ILE B 270 30.73 31.71 -3.57
N THR B 271 31.81 31.83 -4.32
CA THR B 271 32.70 33.02 -4.22
C THR B 271 32.64 33.69 -5.63
N ASN B 272 32.46 34.98 -5.64
CA ASN B 272 32.36 35.74 -6.91
C ASN B 272 33.75 36.26 -7.35
N PRO B 273 33.83 36.88 -8.51
CA PRO B 273 35.13 37.35 -9.02
C PRO B 273 35.66 38.54 -8.26
N GLU B 274 34.90 39.06 -7.31
CA GLU B 274 35.27 40.21 -6.43
CA GLU B 274 35.48 40.10 -6.45
C GLU B 274 35.71 39.62 -5.05
N GLY B 275 35.86 38.31 -4.92
CA GLY B 275 36.31 37.66 -3.65
C GLY B 275 35.28 37.54 -2.55
N LYS B 276 34.03 37.88 -2.83
CA LYS B 276 33.01 37.83 -1.84
C LYS B 276 32.35 36.43 -1.91
N LYS B 277 32.13 35.88 -0.70
CA LYS B 277 31.60 34.54 -0.54
C LYS B 277 30.26 34.52 0.16
N LYS B 278 29.32 33.71 -0.34
CA LYS B 278 28.05 33.47 0.30
C LYS B 278 27.72 32.00 0.36
N TYR B 279 27.04 31.61 1.40
CA TYR B 279 26.52 30.23 1.47
C TYR B 279 25.04 30.20 1.16
N LEU B 280 24.68 29.18 0.40
CA LEU B 280 23.34 28.91 -0.02
C LEU B 280 22.91 27.50 0.31
N ALA B 281 21.64 27.33 0.62
CA ALA B 281 21.11 26.01 0.88
C ALA B 281 20.08 25.70 -0.22
N ALA B 282 19.88 24.46 -0.62
CA ALA B 282 18.91 24.14 -1.64
C ALA B 282 18.21 22.83 -1.39
N ALA B 283 16.85 22.80 -1.50
CA ALA B 283 16.02 21.65 -1.30
C ALA B 283 15.40 21.24 -2.61
N PHE B 284 15.89 20.14 -3.17
CA PHE B 284 15.30 19.54 -4.36
C PHE B 284 14.87 18.12 -4.04
N PRO B 285 13.84 17.61 -4.74
CA PRO B 285 13.44 16.22 -4.51
C PRO B 285 14.57 15.18 -4.64
N SER B 286 14.44 14.09 -3.87
CA SER B 286 15.46 13.00 -3.87
C SER B 286 15.92 12.61 -5.28
N ALA B 287 15.00 12.60 -6.21
CA ALA B 287 15.32 12.25 -7.61
C ALA B 287 16.17 13.29 -8.35
N CYS B 288 16.36 14.49 -7.77
CA CYS B 288 17.02 15.59 -8.49
C CYS B 288 18.54 15.68 -8.23
N GLY B 289 19.15 16.69 -8.83
CA GLY B 289 20.57 16.90 -8.77
C GLY B 289 21.12 17.79 -7.68
N LYS B 290 20.87 17.41 -6.42
CA LYS B 290 21.48 18.13 -5.28
CA LYS B 290 21.49 18.11 -5.29
C LYS B 290 22.99 17.91 -5.31
N THR B 291 23.45 16.65 -5.45
CA THR B 291 24.91 16.40 -5.43
C THR B 291 25.62 17.15 -6.56
N ASN B 292 25.00 17.17 -7.72
CA ASN B 292 25.54 17.96 -8.82
C ASN B 292 25.63 19.47 -8.59
N LEU B 293 24.65 20.07 -7.92
CA LEU B 293 24.72 21.47 -7.62
C LEU B 293 25.75 21.74 -6.52
N ALA B 294 25.75 20.90 -5.46
CA ALA B 294 26.62 21.15 -4.29
C ALA B 294 28.04 21.02 -4.67
N MET B 295 28.33 20.30 -5.75
CA MET B 295 29.72 20.12 -6.19
C MET B 295 30.00 20.75 -7.57
N MET B 296 29.20 21.75 -7.92
CA MET B 296 29.21 22.32 -9.26
C MET B 296 30.63 22.79 -9.61
N ASN B 297 31.03 22.46 -10.83
CA ASN B 297 32.11 23.12 -11.48
C ASN B 297 31.56 24.25 -12.38
N PRO B 298 31.59 25.50 -11.89
CA PRO B 298 30.94 26.61 -12.63
C PRO B 298 31.65 26.91 -13.94
N THR B 299 30.86 27.25 -14.95
CA THR B 299 31.46 27.65 -16.23
C THR B 299 31.89 29.12 -16.25
N LEU B 300 31.34 29.97 -15.40
CA LEU B 300 31.67 31.39 -15.42
C LEU B 300 33.06 31.61 -14.84
N PRO B 301 33.92 32.35 -15.55
CA PRO B 301 35.27 32.59 -15.00
C PRO B 301 35.18 33.41 -13.73
N GLY B 302 36.10 33.14 -12.81
CA GLY B 302 36.18 33.95 -11.60
C GLY B 302 35.25 33.51 -10.49
N TRP B 303 34.37 32.54 -10.79
CA TRP B 303 33.47 32.01 -9.75
C TRP B 303 33.99 30.67 -9.25
N LYS B 304 33.74 30.43 -7.98
CA LYS B 304 34.11 29.19 -7.31
C LYS B 304 32.91 28.66 -6.53
N VAL B 305 32.68 27.36 -6.60
CA VAL B 305 31.71 26.71 -5.75
C VAL B 305 32.46 25.67 -4.91
N GLU B 306 32.09 25.64 -3.63
CA GLU B 306 32.64 24.65 -2.73
C GLU B 306 31.48 23.97 -1.98
N CYS B 307 31.71 22.71 -1.58
CA CYS B 307 30.61 21.85 -1.05
C CYS B 307 30.68 21.74 0.45
N VAL B 308 29.62 22.11 1.15
CA VAL B 308 29.56 21.84 2.61
C VAL B 308 28.81 20.51 2.83
N GLY B 309 27.72 20.28 2.10
CA GLY B 309 27.01 18.99 2.17
C GLY B 309 26.13 18.85 0.96
N ASP B 310 25.68 17.63 0.66
CA ASP B 310 24.82 17.39 -0.48
C ASP B 310 23.44 16.88 -0.18
N ASP B 311 23.07 16.85 1.09
CA ASP B 311 21.82 16.17 1.45
C ASP B 311 20.99 16.77 2.55
N ILE B 312 21.61 16.97 3.71
CA ILE B 312 20.90 17.40 4.91
C ILE B 312 21.56 18.64 5.54
N ALA B 313 20.75 19.61 6.00
CA ALA B 313 21.28 20.84 6.65
C ALA B 313 20.52 20.96 7.95
N TRP B 314 21.27 21.23 9.03
CA TRP B 314 20.71 21.62 10.30
C TRP B 314 21.00 23.09 10.42
N MET B 315 19.99 23.92 10.65
CA MET B 315 20.10 25.41 10.61
C MET B 315 19.51 26.02 11.85
N LYS B 316 20.24 26.94 12.45
CA LYS B 316 19.83 27.56 13.68
CA LYS B 316 19.78 27.61 13.69
C LYS B 316 20.23 29.05 13.68
N PHE B 317 19.28 29.94 13.93
CA PHE B 317 19.61 31.37 14.07
C PHE B 317 20.48 31.58 15.28
N ASP B 318 21.60 32.29 15.08
CA ASP B 318 22.52 32.63 16.18
C ASP B 318 22.08 33.90 16.89
N ALA B 319 22.87 34.33 17.87
CA ALA B 319 22.48 35.47 18.67
C ALA B 319 22.56 36.79 17.91
N GLN B 320 23.23 36.80 16.75
CA GLN B 320 23.30 37.94 15.86
CA GLN B 320 23.25 37.96 15.88
C GLN B 320 22.20 37.88 14.75
N GLY B 321 21.38 36.84 14.77
CA GLY B 321 20.35 36.67 13.77
C GLY B 321 20.79 36.01 12.46
N ASN B 322 21.99 35.53 12.36
CA ASN B 322 22.43 34.80 11.17
C ASN B 322 21.92 33.37 11.23
N LEU B 323 21.49 32.86 10.06
CA LEU B 323 21.02 31.48 9.99
C LEU B 323 22.19 30.58 9.75
N ARG B 324 22.68 29.95 10.81
CA ARG B 324 23.89 29.11 10.71
C ARG B 324 23.50 27.66 10.41
N ALA B 325 24.16 27.10 9.42
CA ALA B 325 23.96 25.75 9.02
C ALA B 325 25.17 24.86 9.18
N ILE B 326 24.92 23.59 9.56
CA ILE B 326 25.92 22.55 9.44
C ILE B 326 25.40 21.42 8.59
N ASN B 327 26.31 20.73 7.97
CA ASN B 327 26.08 19.40 7.40
C ASN B 327 26.25 18.38 8.54
N PRO B 328 25.17 17.68 8.96
CA PRO B 328 25.34 16.71 10.03
C PRO B 328 25.99 15.40 9.58
N GLU B 329 26.17 15.18 8.26
CA GLU B 329 26.83 14.00 7.76
C GLU B 329 28.35 14.20 7.63
N ASN B 330 29.04 13.06 7.51
CA ASN B 330 30.46 12.98 7.35
C ASN B 330 30.96 12.48 6.02
N GLY B 331 30.01 12.17 5.14
CA GLY B 331 30.18 11.54 3.87
C GLY B 331 29.04 11.85 2.90
N PHE B 332 29.19 11.36 1.68
CA PHE B 332 28.15 11.43 0.65
C PHE B 332 27.70 10.07 0.34
N PHE B 333 26.37 9.88 0.37
CA PHE B 333 25.70 8.61 0.05
C PHE B 333 24.89 8.88 -1.18
N GLY B 334 25.61 8.92 -2.30
CA GLY B 334 25.10 9.51 -3.53
C GLY B 334 24.53 8.44 -4.42
N VAL B 335 23.47 8.80 -5.14
CA VAL B 335 22.93 7.98 -6.21
C VAL B 335 24.01 7.92 -7.31
N ALA B 336 24.42 6.70 -7.70
CA ALA B 336 25.55 6.55 -8.67
C ALA B 336 25.15 6.79 -10.17
N PRO B 337 24.11 6.12 -10.66
CA PRO B 337 23.77 6.38 -12.08
C PRO B 337 23.59 7.84 -12.41
N GLY B 338 24.09 8.22 -13.58
CA GLY B 338 24.15 9.63 -14.00
C GLY B 338 25.37 10.44 -13.59
N THR B 339 26.19 9.87 -12.72
CA THR B 339 27.39 10.54 -12.25
C THR B 339 28.49 10.34 -13.30
N SER B 340 29.02 11.44 -13.85
CA SER B 340 30.08 11.40 -14.85
C SER B 340 31.02 12.56 -14.73
N VAL B 341 32.13 12.53 -15.48
CA VAL B 341 33.01 13.70 -15.55
C VAL B 341 32.24 14.95 -16.00
N LYS B 342 31.30 14.79 -16.94
CA LYS B 342 30.50 15.89 -17.47
C LYS B 342 29.57 16.44 -16.37
N THR B 343 28.88 15.55 -15.67
CA THR B 343 27.82 16.02 -14.78
C THR B 343 28.32 16.35 -13.39
N ASN B 344 29.37 15.66 -12.94
CA ASN B 344 29.90 15.87 -11.60
C ASN B 344 31.34 15.42 -11.51
N PRO B 345 32.24 16.17 -12.15
CA PRO B 345 33.63 15.76 -12.13
C PRO B 345 34.21 15.66 -10.74
N ASN B 346 33.76 16.51 -9.82
CA ASN B 346 34.31 16.46 -8.48
C ASN B 346 33.83 15.22 -7.71
N ALA B 347 32.60 14.75 -7.98
CA ALA B 347 32.16 13.47 -7.41
C ALA B 347 33.03 12.32 -7.90
N ILE B 348 33.36 12.34 -9.18
CA ILE B 348 34.18 11.28 -9.78
C ILE B 348 35.53 11.27 -9.07
N LYS B 349 36.11 12.43 -8.79
CA LYS B 349 37.38 12.45 -8.10
C LYS B 349 37.25 11.93 -6.65
N THR B 350 36.14 12.25 -6.02
CA THR B 350 35.93 11.87 -4.62
C THR B 350 35.91 10.35 -4.41
N ILE B 351 35.28 9.65 -5.34
CA ILE B 351 34.92 8.23 -5.19
C ILE B 351 35.96 7.22 -5.68
N GLN B 352 37.14 7.74 -6.00
CA GLN B 352 38.24 6.88 -6.51
C GLN B 352 38.95 6.10 -5.43
N LYS B 353 38.74 6.45 -4.18
CA LYS B 353 39.40 5.77 -3.08
C LYS B 353 38.49 5.70 -1.84
N ASN B 354 38.71 4.67 -1.03
CA ASN B 354 38.07 4.55 0.27
C ASN B 354 36.53 4.66 0.20
N THR B 355 35.99 4.10 -0.86
CA THR B 355 34.57 4.20 -1.19
C THR B 355 33.91 2.86 -1.24
N ILE B 356 32.70 2.77 -0.69
CA ILE B 356 31.89 1.59 -0.83
C ILE B 356 30.79 1.85 -1.79
N PHE B 357 30.66 0.96 -2.79
CA PHE B 357 29.66 1.04 -3.79
C PHE B 357 28.66 -0.09 -3.58
N THR B 358 27.39 0.18 -3.82
CA THR B 358 26.31 -0.78 -3.67
C THR B 358 25.46 -0.84 -4.90
N ASN B 359 25.33 -2.06 -5.48
CA ASN B 359 24.45 -2.39 -6.64
C ASN B 359 24.81 -1.68 -7.96
N VAL B 360 26.09 -1.40 -8.14
CA VAL B 360 26.63 -0.94 -9.44
C VAL B 360 27.27 -2.12 -10.15
N ALA B 361 27.54 -1.89 -11.43
CA ALA B 361 28.24 -2.90 -12.25
C ALA B 361 29.75 -2.80 -12.02
N GLU B 362 30.42 -3.92 -12.32
CA GLU B 362 31.86 -4.08 -12.22
C GLU B 362 32.45 -4.45 -13.59
N THR B 363 33.46 -3.69 -13.99
CA THR B 363 34.21 -4.00 -15.22
C THR B 363 35.26 -5.08 -14.93
N SER B 364 35.75 -5.72 -16.00
CA SER B 364 36.62 -6.85 -15.88
C SER B 364 38.01 -6.47 -15.35
N ASP B 365 38.37 -5.19 -15.38
CA ASP B 365 39.59 -4.73 -14.71
C ASP B 365 39.40 -4.20 -13.29
N GLY B 366 38.24 -4.51 -12.70
CA GLY B 366 37.97 -4.21 -11.29
C GLY B 366 37.49 -2.81 -11.02
N GLY B 367 36.91 -2.14 -12.00
CA GLY B 367 36.37 -0.79 -11.84
C GLY B 367 34.85 -0.85 -11.79
N VAL B 368 34.25 0.33 -11.68
CA VAL B 368 32.79 0.44 -11.55
C VAL B 368 32.14 0.97 -12.81
N TYR B 369 30.88 0.65 -12.95
CA TYR B 369 30.10 1.14 -14.10
C TYR B 369 28.62 1.31 -13.77
N TRP B 370 27.97 2.21 -14.49
CA TRP B 370 26.55 2.49 -14.31
C TRP B 370 26.08 3.30 -15.51
N GLU B 371 24.77 3.31 -15.69
CA GLU B 371 24.11 4.18 -16.66
C GLU B 371 24.61 5.60 -16.48
N GLY B 372 24.97 6.25 -17.57
CA GLY B 372 25.40 7.65 -17.47
C GLY B 372 26.82 7.94 -17.08
N ILE B 373 27.66 6.92 -16.91
CA ILE B 373 29.05 7.15 -16.49
C ILE B 373 29.87 7.85 -17.58
N ASP B 374 29.42 7.68 -18.84
CA ASP B 374 30.01 8.38 -19.99
CA ASP B 374 30.01 8.38 -19.99
C ASP B 374 31.53 8.19 -20.04
N GLU B 375 31.98 6.94 -19.88
CA GLU B 375 33.38 6.60 -20.03
C GLU B 375 33.38 5.35 -20.90
N PRO B 376 33.82 5.49 -22.16
CA PRO B 376 34.02 4.32 -22.99
C PRO B 376 35.01 3.34 -22.38
N LEU B 377 34.72 2.06 -22.57
CA LEU B 377 35.61 1.01 -22.17
C LEU B 377 36.43 0.52 -23.37
N ALA B 378 37.67 0.15 -23.08
CA ALA B 378 38.58 -0.47 -24.07
C ALA B 378 37.91 -1.71 -24.69
N PRO B 379 38.15 -1.94 -25.99
CA PRO B 379 37.57 -3.18 -26.50
C PRO B 379 38.13 -4.37 -25.73
N GLY B 380 37.30 -5.37 -25.49
CA GLY B 380 37.67 -6.50 -24.65
C GLY B 380 37.30 -6.40 -23.18
N VAL B 381 37.06 -5.18 -22.68
CA VAL B 381 36.66 -5.04 -21.27
C VAL B 381 35.20 -5.41 -21.19
N THR B 382 34.85 -6.31 -20.28
CA THR B 382 33.48 -6.80 -20.11
C THR B 382 32.89 -6.26 -18.80
N ILE B 383 31.58 -6.41 -18.68
CA ILE B 383 30.79 -5.83 -17.55
C ILE B 383 29.98 -6.95 -16.87
N THR B 384 30.07 -6.97 -15.54
CA THR B 384 29.22 -7.81 -14.71
C THR B 384 28.20 -6.85 -14.11
N SER B 385 26.93 -7.13 -14.32
CA SER B 385 25.87 -6.25 -13.82
C SER B 385 25.80 -6.37 -12.31
N TRP B 386 24.99 -5.48 -11.72
CA TRP B 386 24.71 -5.52 -10.29
C TRP B 386 23.93 -6.77 -9.89
N LYS B 387 23.43 -7.54 -10.84
CA LYS B 387 22.78 -8.84 -10.51
C LYS B 387 23.75 -10.01 -10.71
N ASN B 388 25.05 -9.68 -10.88
CA ASN B 388 26.14 -10.64 -10.99
C ASN B 388 26.02 -11.53 -12.23
N LYS B 389 25.60 -10.93 -13.33
CA LYS B 389 25.46 -11.61 -14.62
C LYS B 389 26.24 -10.84 -15.63
N GLU B 390 26.80 -11.56 -16.60
CA GLU B 390 27.48 -10.92 -17.71
C GLU B 390 26.51 -9.97 -18.39
N TRP B 391 26.93 -8.73 -18.59
CA TRP B 391 26.04 -7.72 -19.13
C TRP B 391 26.53 -7.14 -20.44
N ARG B 392 25.61 -6.82 -21.33
CA ARG B 392 25.95 -6.23 -22.63
C ARG B 392 25.10 -4.97 -22.93
N PRO B 393 25.68 -3.95 -23.58
CA PRO B 393 24.86 -2.78 -23.97
C PRO B 393 23.97 -3.05 -25.20
N ASP B 395 21.12 -5.03 -23.97
CA ASP B 395 20.21 -5.83 -23.15
C ASP B 395 19.04 -4.98 -22.66
N GLU B 396 18.03 -5.64 -22.08
CA GLU B 396 16.85 -4.96 -21.54
C GLU B 396 17.18 -4.14 -20.28
N GLU B 397 17.75 -4.81 -19.28
CA GLU B 397 17.93 -4.21 -17.94
C GLU B 397 19.20 -3.35 -17.82
N PRO B 398 19.18 -2.37 -16.88
CA PRO B 398 20.40 -1.58 -16.65
C PRO B 398 21.49 -2.41 -16.01
N CYS B 399 22.73 -1.94 -16.12
CA CYS B 399 23.87 -2.63 -15.54
C CYS B 399 23.98 -2.33 -14.05
N ALA B 400 23.41 -1.20 -13.62
CA ALA B 400 23.35 -0.83 -12.21
C ALA B 400 21.93 -0.58 -11.78
N HIS B 401 21.57 -0.90 -10.53
CA HIS B 401 20.22 -0.63 -10.07
C HIS B 401 20.03 0.92 -10.05
N PRO B 402 18.81 1.41 -10.39
CA PRO B 402 18.61 2.85 -10.40
C PRO B 402 18.87 3.61 -9.10
N ASN B 403 18.77 2.88 -7.99
CA ASN B 403 19.04 3.42 -6.65
C ASN B 403 20.39 2.98 -6.11
N SER B 404 21.30 2.52 -6.98
CA SER B 404 22.63 2.12 -6.57
C SER B 404 23.40 3.37 -6.06
N ARG B 405 24.42 3.13 -5.26
CA ARG B 405 25.06 4.17 -4.49
C ARG B 405 26.54 4.10 -4.43
N PHE B 406 27.13 5.25 -4.22
CA PHE B 406 28.46 5.35 -3.66
C PHE B 406 28.33 5.88 -2.23
N CYS B 407 29.27 5.49 -1.37
CA CYS B 407 29.34 5.92 0.01
C CYS B 407 30.76 6.31 0.24
N THR B 408 31.03 7.61 0.33
CA THR B 408 32.37 8.14 0.23
C THR B 408 32.63 9.21 1.25
N PRO B 409 33.85 9.30 1.79
CA PRO B 409 34.14 10.32 2.76
C PRO B 409 34.05 11.73 2.21
N ALA B 410 33.48 12.66 2.98
CA ALA B 410 33.32 14.04 2.52
C ALA B 410 34.65 14.72 2.40
N SER B 411 35.56 14.32 3.24
CA SER B 411 36.90 14.96 3.31
C SER B 411 37.68 14.83 2.00
N GLN B 412 37.27 13.88 1.16
CA GLN B 412 37.92 13.57 -0.11
C GLN B 412 37.45 14.38 -1.29
N CYS B 413 36.37 15.15 -1.12
CA CYS B 413 35.89 15.95 -2.20
C CYS B 413 36.90 17.09 -2.40
N PRO B 414 37.36 17.24 -3.65
CA PRO B 414 38.40 18.23 -3.94
C PRO B 414 37.96 19.66 -3.77
N ILE B 415 36.65 19.92 -3.77
CA ILE B 415 36.14 21.27 -3.48
C ILE B 415 35.32 21.30 -2.18
N ILE B 416 35.63 20.41 -1.26
CA ILE B 416 35.01 20.50 0.04
C ILE B 416 35.35 21.84 0.67
N ASP B 417 34.35 22.46 1.27
CA ASP B 417 34.51 23.79 1.81
C ASP B 417 35.40 23.80 3.00
N PRO B 418 36.24 24.83 3.12
CA PRO B 418 37.07 24.81 4.31
C PRO B 418 36.36 24.94 5.64
N ALA B 419 35.11 25.40 5.66
CA ALA B 419 34.33 25.48 6.84
C ALA B 419 33.26 24.36 6.93
N TRP B 420 33.38 23.33 6.13
CA TRP B 420 32.42 22.21 6.17
C TRP B 420 32.35 21.55 7.56
N GLU B 421 33.38 21.68 8.38
CA GLU B 421 33.33 21.18 9.77
C GLU B 421 33.42 22.24 10.84
N SER B 422 33.24 23.51 10.48
CA SER B 422 33.30 24.56 11.46
CA SER B 422 33.30 24.56 11.46
C SER B 422 32.17 24.37 12.46
N PRO B 423 32.50 24.31 13.76
CA PRO B 423 31.42 24.01 14.70
C PRO B 423 30.27 25.02 14.81
N GLU B 424 30.47 26.29 14.46
CA GLU B 424 29.42 27.27 14.57
C GLU B 424 28.58 27.30 13.30
N GLY B 425 29.02 26.52 12.32
CA GLY B 425 28.26 26.46 11.06
C GLY B 425 28.56 27.65 10.13
N VAL B 426 27.91 27.66 8.97
CA VAL B 426 28.16 28.64 7.97
C VAL B 426 26.88 29.45 7.79
N PRO B 427 27.02 30.77 7.51
CA PRO B 427 25.85 31.68 7.46
C PRO B 427 25.08 31.60 6.13
N ILE B 428 23.86 31.09 6.16
CA ILE B 428 23.04 30.93 4.97
C ILE B 428 22.38 32.25 4.59
N GLU B 429 22.53 32.65 3.31
CA GLU B 429 22.01 33.90 2.83
C GLU B 429 20.89 33.75 1.78
N GLY B 430 20.74 32.53 1.27
CA GLY B 430 19.65 32.22 0.34
C GLY B 430 19.29 30.78 0.44
N ILE B 431 18.00 30.51 0.31
CA ILE B 431 17.40 29.18 0.27
C ILE B 431 16.71 28.98 -1.07
N ILE B 432 17.07 27.90 -1.71
CA ILE B 432 16.60 27.62 -3.11
C ILE B 432 15.75 26.37 -3.06
N PHE B 433 14.55 26.50 -3.54
CA PHE B 433 13.68 25.39 -3.78
C PHE B 433 13.69 25.03 -5.27
N GLY B 434 13.25 23.84 -5.65
CA GLY B 434 13.22 23.57 -7.09
C GLY B 434 12.63 22.21 -7.37
N GLY B 435 12.19 22.02 -8.61
CA GLY B 435 11.66 20.73 -9.04
C GLY B 435 11.72 20.69 -10.56
N ARG B 436 11.54 19.50 -11.13
CA ARG B 436 11.59 19.32 -12.56
C ARG B 436 10.22 19.59 -13.15
N ARG B 437 10.16 20.61 -13.97
CA ARG B 437 8.88 21.04 -14.56
C ARG B 437 9.08 21.29 -16.04
N PRO B 438 8.55 20.40 -16.89
CA PRO B 438 8.83 20.57 -18.31
C PRO B 438 8.08 21.74 -18.94
N ALA B 439 7.05 22.23 -18.26
CA ALA B 439 6.28 23.32 -18.77
C ALA B 439 5.97 24.35 -17.66
N GLY B 440 5.75 25.58 -18.06
CA GLY B 440 5.08 26.55 -17.21
C GLY B 440 5.92 27.35 -16.26
N VAL B 441 6.91 26.68 -15.68
CA VAL B 441 7.66 27.25 -14.57
C VAL B 441 9.00 27.82 -15.08
N PRO B 442 9.24 29.12 -14.86
CA PRO B 442 10.51 29.70 -15.28
C PRO B 442 11.78 29.07 -14.68
N LEU B 443 12.90 29.34 -15.35
CA LEU B 443 14.21 28.90 -14.90
C LEU B 443 14.50 29.27 -13.43
N VAL B 444 14.23 30.49 -13.04
CA VAL B 444 14.45 30.95 -11.67
C VAL B 444 13.48 32.08 -11.40
N TYR B 445 12.96 32.10 -10.18
CA TYR B 445 12.26 33.23 -9.69
C TYR B 445 12.55 33.37 -8.19
N GLU B 446 12.24 34.54 -7.67
CA GLU B 446 12.51 34.93 -6.29
C GLU B 446 11.19 35.27 -5.62
N ALA B 447 11.02 34.73 -4.42
CA ALA B 447 9.83 34.93 -3.62
C ALA B 447 9.76 36.37 -3.17
N LEU B 448 8.55 36.86 -3.01
CA LEU B 448 8.22 38.24 -2.71
C LEU B 448 8.41 38.65 -1.26
N SER B 449 8.47 37.64 -0.40
CA SER B 449 8.51 37.79 1.05
C SER B 449 8.84 36.42 1.64
N TRP B 450 9.13 36.41 2.95
CA TRP B 450 9.35 35.17 3.70
C TRP B 450 8.10 34.31 3.60
N GLN B 451 6.93 34.92 3.82
CA GLN B 451 5.68 34.14 3.78
C GLN B 451 5.40 33.52 2.38
N HIS B 452 5.61 34.34 1.36
CA HIS B 452 5.56 33.83 0.01
C HIS B 452 6.57 32.71 -0.21
N GLY B 453 7.79 32.90 0.27
CA GLY B 453 8.78 31.87 0.14
C GLY B 453 8.39 30.54 0.78
N VAL B 454 7.81 30.59 1.99
CA VAL B 454 7.33 29.38 2.63
C VAL B 454 6.23 28.72 1.79
N PHE B 455 5.33 29.56 1.20
CA PHE B 455 4.35 29.04 0.27
C PHE B 455 5.00 28.37 -0.97
N VAL B 456 6.02 29.00 -1.53
CA VAL B 456 6.77 28.41 -2.66
C VAL B 456 7.29 27.02 -2.30
N GLY B 457 7.87 26.90 -1.08
CA GLY B 457 8.34 25.59 -0.61
C GLY B 457 7.19 24.59 -0.52
N ALA B 458 6.12 25.04 0.09
CA ALA B 458 4.91 24.22 0.19
C ALA B 458 4.33 23.71 -1.09
N ALA B 459 4.45 24.50 -2.14
CA ALA B 459 3.81 24.27 -3.42
C ALA B 459 4.69 23.44 -4.33
N MET B 460 5.90 23.07 -3.87
CA MET B 460 6.84 22.38 -4.80
C MET B 460 6.23 21.16 -5.39
N ARG B 461 6.46 20.99 -6.70
CA ARG B 461 6.03 19.81 -7.43
C ARG B 461 7.14 19.43 -8.42
N SER B 462 7.23 18.16 -8.81
CA SER B 462 8.35 17.73 -9.62
C SER B 462 7.94 16.51 -10.39
N GLU B 463 8.38 16.44 -11.65
CA GLU B 463 8.09 15.30 -12.51
C GLU B 463 8.89 14.10 -12.05
N ALA B 464 8.17 13.01 -11.80
CA ALA B 464 8.77 11.71 -11.38
C ALA B 464 9.19 10.88 -12.60
N THR B 465 9.93 9.79 -12.38
CA THR B 465 10.57 9.03 -13.50
C THR B 465 9.64 8.07 -14.24
N LYS B 473 5.10 9.58 -16.94
CA LYS B 473 5.78 10.62 -16.16
C LYS B 473 4.77 11.55 -15.47
N VAL B 474 4.69 11.44 -14.14
CA VAL B 474 3.66 12.13 -13.35
C VAL B 474 4.29 13.26 -12.53
N ILE B 475 3.64 14.41 -12.44
CA ILE B 475 4.12 15.52 -11.60
C ILE B 475 3.50 15.30 -10.21
N MET B 476 4.35 15.19 -9.20
CA MET B 476 3.91 14.94 -7.85
C MET B 476 4.31 16.10 -6.96
N HIS B 477 3.56 16.25 -5.87
CA HIS B 477 3.86 17.24 -4.83
C HIS B 477 4.99 16.72 -3.93
N ASP B 478 5.95 17.60 -3.63
CA ASP B 478 7.01 17.25 -2.69
C ASP B 478 7.41 18.49 -1.95
N PRO B 479 6.53 18.95 -1.05
CA PRO B 479 6.82 20.16 -0.29
C PRO B 479 8.12 20.14 0.44
N PHE B 480 8.95 21.15 0.15
CA PHE B 480 10.23 21.39 0.78
C PHE B 480 11.19 20.21 0.51
N ALA B 481 10.90 19.37 -0.47
CA ALA B 481 11.64 18.12 -0.73
C ALA B 481 11.57 17.21 0.48
N MET B 482 10.53 17.43 1.33
CA MET B 482 10.46 16.71 2.60
C MET B 482 9.35 15.63 2.63
N ARG B 483 8.66 15.41 1.55
CA ARG B 483 7.48 14.53 1.58
C ARG B 483 7.68 13.19 2.30
N PRO B 484 8.77 12.45 1.99
CA PRO B 484 9.04 11.21 2.74
C PRO B 484 9.62 11.35 4.16
N PHE B 485 9.93 12.58 4.62
CA PHE B 485 10.83 12.80 5.76
C PHE B 485 10.29 13.67 6.94
N PHE B 486 9.06 14.20 6.82
CA PHE B 486 8.51 15.05 7.86
C PHE B 486 8.51 14.26 9.17
N GLY B 487 9.03 14.81 10.25
CA GLY B 487 8.95 14.11 11.49
C GLY B 487 7.67 14.33 12.27
N TYR B 488 6.80 15.18 11.77
CA TYR B 488 5.61 15.62 12.46
C TYR B 488 4.71 16.31 11.41
N ASN B 489 3.54 16.73 11.90
CA ASN B 489 2.47 17.32 11.06
C ASN B 489 2.98 18.44 10.17
N PHE B 490 2.81 18.27 8.88
CA PHE B 490 3.30 19.24 7.87
C PHE B 490 2.74 20.64 8.02
N GLY B 491 1.48 20.76 8.42
CA GLY B 491 0.95 22.06 8.76
C GLY B 491 1.67 22.77 9.89
N LYS B 492 2.03 22.03 10.96
CA LYS B 492 2.75 22.59 12.05
C LYS B 492 4.15 22.90 11.59
N TYR B 493 4.70 22.15 10.64
CA TYR B 493 6.04 22.49 10.12
C TYR B 493 6.02 23.84 9.34
N LEU B 494 4.96 24.03 8.59
CA LEU B 494 4.73 25.32 7.92
C LEU B 494 4.60 26.46 8.90
N ALA B 495 3.89 26.22 10.00
CA ALA B 495 3.78 27.21 11.05
C ALA B 495 5.13 27.50 11.66
N HIS B 496 5.95 26.44 11.80
CA HIS B 496 7.24 26.59 12.35
C HIS B 496 8.13 27.52 11.49
N TRP B 497 8.17 27.21 10.20
CA TRP B 497 8.90 28.07 9.26
C TRP B 497 8.36 29.52 9.29
N LEU B 498 7.06 29.69 9.29
CA LEU B 498 6.44 31.05 9.34
C LEU B 498 6.81 31.80 10.58
N SER B 499 6.94 31.08 11.69
CA SER B 499 7.29 31.72 12.96
C SER B 499 8.67 32.40 12.94
N MET B 500 9.58 31.98 12.03
CA MET B 500 10.89 32.60 11.97
C MET B 500 10.81 34.11 11.72
N ALA B 501 9.75 34.57 11.06
CA ALA B 501 9.57 35.97 10.74
C ALA B 501 9.29 36.79 11.97
N HIS B 502 8.98 36.14 13.09
CA HIS B 502 8.69 36.89 14.32
C HIS B 502 9.77 36.72 15.35
N ARG B 503 10.82 36.02 14.98
CA ARG B 503 11.95 35.83 15.84
C ARG B 503 12.67 37.14 15.84
N PRO B 504 12.78 37.77 17.00
CA PRO B 504 13.49 39.06 16.94
C PRO B 504 14.98 38.88 16.52
N ALA B 505 15.48 39.82 15.71
CA ALA B 505 16.86 39.83 15.20
C ALA B 505 17.13 38.97 13.93
N ALA B 506 16.21 38.07 13.59
CA ALA B 506 16.52 37.03 12.58
C ALA B 506 16.73 37.68 11.24
N LYS B 507 17.78 37.27 10.53
CA LYS B 507 18.07 37.75 9.17
C LYS B 507 17.53 36.69 8.19
N LEU B 508 16.32 36.93 7.68
CA LEU B 508 15.65 35.90 6.87
C LEU B 508 16.32 35.83 5.51
N PRO B 509 16.79 34.64 5.11
CA PRO B 509 17.43 34.54 3.80
C PRO B 509 16.40 34.76 2.70
N LYS B 510 16.92 35.21 1.58
CA LYS B 510 16.16 35.31 0.38
C LYS B 510 15.82 33.91 -0.11
N ILE B 511 14.60 33.74 -0.62
CA ILE B 511 14.10 32.49 -1.15
C ILE B 511 13.90 32.53 -2.66
N PHE B 512 14.38 31.49 -3.33
CA PHE B 512 14.30 31.35 -4.76
C PHE B 512 13.67 30.01 -5.08
N HIS B 513 13.24 29.86 -6.33
CA HIS B 513 12.83 28.59 -6.89
C HIS B 513 13.51 28.46 -8.26
N VAL B 514 14.02 27.29 -8.57
CA VAL B 514 14.62 26.99 -9.88
C VAL B 514 13.95 25.80 -10.55
N ASN B 515 14.15 25.77 -11.88
CA ASN B 515 13.71 24.66 -12.67
C ASN B 515 14.69 24.57 -13.87
N TRP B 516 15.51 23.52 -13.89
CA TRP B 516 16.44 23.32 -15.03
C TRP B 516 15.77 22.65 -16.25
N PHE B 517 14.53 22.23 -16.14
CA PHE B 517 13.93 21.30 -17.10
C PHE B 517 12.91 21.87 -18.05
N ARG B 518 12.68 23.17 -18.10
CA ARG B 518 11.62 23.68 -18.97
C ARG B 518 11.99 23.38 -20.44
N LYS B 519 10.95 22.99 -21.19
CA LYS B 519 11.07 22.73 -22.63
C LYS B 519 10.20 23.67 -23.42
N ASP B 520 10.57 23.88 -24.68
CA ASP B 520 9.78 24.75 -25.54
C ASP B 520 8.69 23.90 -26.23
N LYS B 521 7.89 24.54 -27.09
CA LYS B 521 6.76 23.90 -27.77
C LYS B 521 7.17 22.58 -28.42
N ASN B 522 8.36 22.58 -29.00
CA ASN B 522 8.88 21.42 -29.75
C ASN B 522 9.68 20.43 -28.91
N GLY B 523 9.67 20.56 -27.58
CA GLY B 523 10.35 19.57 -26.72
C GLY B 523 11.84 19.81 -26.50
N LYS B 524 12.35 20.94 -27.01
CA LYS B 524 13.76 21.27 -26.85
C LYS B 524 13.91 21.91 -25.46
N PHE B 525 14.88 21.40 -24.71
CA PHE B 525 15.33 22.06 -23.46
C PHE B 525 15.78 23.48 -23.72
N LEU B 526 15.22 24.38 -22.93
CA LEU B 526 15.42 25.74 -23.07
C LEU B 526 16.75 26.18 -22.40
N TRP B 527 17.26 25.36 -21.46
CA TRP B 527 18.47 25.75 -20.65
C TRP B 527 19.42 24.59 -20.70
N PRO B 528 20.74 24.88 -20.87
CA PRO B 528 21.74 23.78 -21.01
C PRO B 528 22.09 23.11 -19.71
N GLY B 529 21.86 23.77 -18.56
CA GLY B 529 22.14 23.18 -17.28
C GLY B 529 23.61 22.89 -17.00
N PHE B 530 23.79 21.94 -16.12
CA PHE B 530 25.13 21.55 -15.62
C PHE B 530 25.84 22.79 -15.09
N GLY B 531 27.10 23.01 -15.43
CA GLY B 531 27.83 24.12 -14.85
C GLY B 531 27.30 25.47 -15.30
N GLU B 532 26.46 25.52 -16.35
CA GLU B 532 25.83 26.75 -16.74
C GLU B 532 24.85 27.28 -15.68
N ASN B 533 24.44 26.37 -14.75
CA ASN B 533 23.63 26.81 -13.63
C ASN B 533 24.33 27.83 -12.72
N SER B 534 25.63 27.95 -12.86
CA SER B 534 26.37 29.04 -12.22
C SER B 534 25.85 30.42 -12.57
N ARG B 535 25.25 30.56 -13.76
CA ARG B 535 24.71 31.84 -14.19
C ARG B 535 23.47 32.25 -13.42
N VAL B 536 22.68 31.22 -13.05
CA VAL B 536 21.58 31.43 -12.15
C VAL B 536 22.07 31.78 -10.75
N LEU B 537 23.06 31.03 -10.27
CA LEU B 537 23.61 31.42 -8.95
C LEU B 537 24.19 32.81 -8.90
N GLU B 538 24.76 33.25 -10.00
CA GLU B 538 25.27 34.61 -10.11
C GLU B 538 24.13 35.63 -9.92
N TRP B 539 22.99 35.38 -10.55
CA TRP B 539 21.88 36.28 -10.35
C TRP B 539 21.38 36.34 -8.90
N MET B 540 21.32 35.17 -8.27
CA MET B 540 20.82 35.06 -6.90
C MET B 540 21.77 35.84 -5.99
N PHE B 541 23.07 35.69 -6.28
CA PHE B 541 24.13 36.36 -5.48
C PHE B 541 23.91 37.86 -5.51
N GLY B 542 23.69 38.40 -6.70
CA GLY B 542 23.45 39.82 -6.85
C GLY B 542 22.18 40.31 -6.22
N ARG B 543 21.13 39.51 -6.32
CA ARG B 543 19.91 39.82 -5.63
C ARG B 543 20.06 39.90 -4.12
N ILE B 544 20.84 38.97 -3.55
CA ILE B 544 21.10 39.00 -2.10
C ILE B 544 21.84 40.31 -1.77
N GLU B 545 22.69 40.75 -2.67
CA GLU B 545 23.48 41.99 -2.44
C GLU B 545 22.62 43.26 -2.65
N GLY B 546 21.39 43.08 -3.06
CA GLY B 546 20.44 44.18 -3.26
C GLY B 546 20.44 44.77 -4.64
N GLU B 547 21.07 44.12 -5.60
CA GLU B 547 21.05 44.61 -6.96
C GLU B 547 19.66 44.73 -7.54
N ASP B 548 19.50 45.74 -8.40
CA ASP B 548 18.22 46.05 -9.00
C ASP B 548 18.06 45.29 -10.32
N SER B 549 18.22 43.96 -10.27
CA SER B 549 18.35 43.12 -11.41
C SER B 549 17.09 42.23 -11.72
N ALA B 550 15.97 42.60 -11.07
CA ALA B 550 14.72 41.83 -11.13
C ALA B 550 13.57 42.64 -11.71
N LYS B 551 12.71 41.86 -12.32
CA LYS B 551 11.41 42.30 -12.80
C LYS B 551 10.31 41.61 -11.98
N LEU B 552 9.30 42.35 -11.57
CA LEU B 552 8.14 41.81 -10.92
C LEU B 552 7.16 41.11 -11.87
N THR B 553 6.72 39.91 -11.51
CA THR B 553 5.71 39.12 -12.17
C THR B 553 4.73 38.58 -11.15
N PRO B 554 3.64 37.95 -11.61
CA PRO B 554 2.69 37.43 -10.62
C PRO B 554 3.21 36.36 -9.73
N ILE B 555 4.23 35.60 -10.19
CA ILE B 555 4.73 34.48 -9.37
C ILE B 555 5.90 34.88 -8.47
N GLY B 556 6.40 36.08 -8.64
CA GLY B 556 7.63 36.50 -7.99
C GLY B 556 8.53 37.31 -8.89
N TYR B 557 9.74 37.60 -8.43
CA TYR B 557 10.70 38.37 -9.21
C TYR B 557 11.42 37.42 -10.17
N VAL B 558 11.61 37.84 -11.42
CA VAL B 558 12.46 37.13 -12.32
C VAL B 558 13.58 38.07 -12.77
N PRO B 559 14.64 37.54 -13.40
CA PRO B 559 15.69 38.40 -13.91
C PRO B 559 15.10 39.37 -14.96
N LYS B 560 15.50 40.63 -14.84
CA LYS B 560 14.99 41.65 -15.77
C LYS B 560 15.73 41.46 -17.05
N GLU B 561 15.37 42.25 -18.07
CA GLU B 561 15.99 42.04 -19.38
C GLU B 561 17.54 42.19 -19.33
N ASP B 562 18.22 41.21 -19.93
CA ASP B 562 19.68 41.19 -20.04
C ASP B 562 20.37 40.91 -18.71
N ALA B 563 19.63 40.57 -17.65
CA ALA B 563 20.30 40.46 -16.33
C ALA B 563 21.11 39.19 -16.19
N LEU B 564 20.71 38.11 -16.85
CA LEU B 564 21.54 36.91 -16.85
C LEU B 564 22.74 37.02 -17.74
N ASN B 565 23.86 36.49 -17.28
CA ASN B 565 25.01 36.37 -18.11
C ASN B 565 24.76 35.17 -19.03
N LEU B 566 24.52 35.46 -20.32
CA LEU B 566 24.34 34.40 -21.33
C LEU B 566 25.52 34.25 -22.30
N LYS B 567 26.61 34.93 -22.01
CA LYS B 567 27.80 34.85 -22.87
C LYS B 567 28.30 33.43 -23.04
N GLY B 568 28.50 33.03 -24.29
CA GLY B 568 28.87 31.67 -24.63
C GLY B 568 27.80 30.61 -24.82
N LEU B 569 26.54 30.99 -24.68
CA LEU B 569 25.44 30.00 -24.76
C LEU B 569 24.70 30.03 -26.08
N GLY B 570 25.13 30.94 -26.93
CA GLY B 570 24.44 31.12 -28.21
C GLY B 570 23.09 31.79 -28.05
N ASP B 571 22.13 31.39 -28.86
CA ASP B 571 20.81 31.97 -28.82
C ASP B 571 19.96 31.27 -27.74
N VAL B 572 19.84 31.89 -26.58
CA VAL B 572 18.95 31.38 -25.53
C VAL B 572 17.59 32.04 -25.67
N ASN B 573 16.56 31.21 -25.74
CA ASN B 573 15.22 31.69 -25.85
C ASN B 573 14.66 32.17 -24.51
N VAL B 574 15.13 33.33 -24.08
CA VAL B 574 14.72 33.89 -22.75
C VAL B 574 13.23 34.16 -22.70
N GLU B 575 12.66 34.52 -23.85
CA GLU B 575 11.22 34.71 -23.95
C GLU B 575 10.41 33.50 -23.47
N GLU B 576 10.73 32.30 -23.94
CA GLU B 576 9.98 31.10 -23.53
C GLU B 576 10.46 30.61 -22.15
N LEU B 577 11.75 30.80 -21.87
CA LEU B 577 12.32 30.27 -20.64
C LEU B 577 11.77 31.00 -19.43
N PHE B 578 11.51 32.29 -19.58
CA PHE B 578 10.87 33.11 -18.51
C PHE B 578 9.42 33.41 -18.73
N GLY B 579 8.79 32.72 -19.68
CA GLY B 579 7.40 32.97 -19.95
C GLY B 579 6.49 32.57 -18.83
N ILE B 580 5.50 33.42 -18.55
CA ILE B 580 4.45 33.14 -17.58
C ILE B 580 3.10 33.26 -18.29
N SER B 581 2.42 32.15 -18.36
CA SER B 581 1.12 32.04 -18.99
C SER B 581 0.02 32.07 -17.95
N LYS B 582 -0.96 32.94 -18.14
CA LYS B 582 -2.15 32.99 -17.32
C LYS B 582 -2.85 31.62 -17.24
N GLU B 583 -3.01 30.95 -18.40
CA GLU B 583 -3.71 29.67 -18.45
C GLU B 583 -2.98 28.61 -17.62
N PHE B 584 -1.65 28.56 -17.72
CA PHE B 584 -0.88 27.57 -16.97
C PHE B 584 -1.02 27.83 -15.49
N TRP B 585 -0.90 29.11 -15.12
CA TRP B 585 -0.83 29.47 -13.70
C TRP B 585 -2.18 29.39 -13.02
N GLU B 586 -3.25 29.69 -13.76
CA GLU B 586 -4.59 29.41 -13.23
C GLU B 586 -4.77 27.97 -12.83
N LYS B 587 -4.33 27.08 -13.69
CA LYS B 587 -4.41 25.67 -13.43
C LYS B 587 -3.52 25.28 -12.26
N GLU B 588 -2.32 25.88 -12.22
CA GLU B 588 -1.33 25.56 -11.18
C GLU B 588 -1.86 25.92 -9.81
N VAL B 589 -2.43 27.11 -9.70
CA VAL B 589 -2.93 27.56 -8.41
CA VAL B 589 -2.97 27.60 -8.42
C VAL B 589 -4.13 26.74 -7.96
N GLU B 590 -5.00 26.34 -8.89
CA GLU B 590 -6.12 25.48 -8.55
C GLU B 590 -5.64 24.16 -7.98
N GLU B 591 -4.60 23.60 -8.61
CA GLU B 591 -4.11 22.30 -8.22
C GLU B 591 -3.46 22.41 -6.85
N ILE B 592 -2.69 23.48 -6.65
CA ILE B 592 -2.12 23.70 -5.34
C ILE B 592 -3.18 23.85 -4.23
N ASP B 593 -4.24 24.61 -4.51
CA ASP B 593 -5.34 24.83 -3.59
C ASP B 593 -5.96 23.48 -3.19
N LYS B 594 -6.32 22.64 -4.16
CA LYS B 594 -6.94 21.37 -3.88
C LYS B 594 -6.03 20.45 -3.11
N TYR B 595 -4.74 20.47 -3.44
CA TYR B 595 -3.77 19.69 -2.63
C TYR B 595 -3.66 20.12 -1.18
N LEU B 596 -3.46 21.42 -0.93
CA LEU B 596 -3.36 21.91 0.42
C LEU B 596 -4.58 21.72 1.22
N GLU B 597 -5.75 21.92 0.56
CA GLU B 597 -7.02 21.68 1.26
C GLU B 597 -7.18 20.23 1.69
N ASP B 598 -6.93 19.31 0.77
CA ASP B 598 -7.05 17.87 1.06
C ASP B 598 -6.05 17.42 2.12
N GLN B 599 -4.77 17.76 1.84
CA GLN B 599 -3.66 17.16 2.60
C GLN B 599 -3.31 17.82 3.89
N VAL B 600 -3.59 19.11 4.06
CA VAL B 600 -3.21 19.86 5.21
C VAL B 600 -4.45 20.31 5.99
N ASN B 601 -5.48 20.73 5.27
CA ASN B 601 -6.86 20.79 5.85
C ASN B 601 -6.84 21.78 7.04
N ALA B 602 -7.29 21.33 8.22
CA ALA B 602 -7.32 22.17 9.41
C ALA B 602 -6.03 22.72 9.91
N ASP B 603 -4.90 22.13 9.49
CA ASP B 603 -3.61 22.56 9.98
C ASP B 603 -2.90 23.46 9.02
N LEU B 604 -3.58 23.87 7.96
CA LEU B 604 -2.95 24.83 7.01
C LEU B 604 -2.86 26.23 7.68
N PRO B 605 -1.66 26.82 7.85
CA PRO B 605 -1.58 28.14 8.47
C PRO B 605 -2.28 29.21 7.67
N TYR B 606 -2.89 30.16 8.38
CA TYR B 606 -3.57 31.28 7.73
C TYR B 606 -2.69 31.95 6.67
N GLU B 607 -1.41 32.10 6.96
CA GLU B 607 -0.54 32.85 6.05
C GLU B 607 -0.34 32.10 4.72
N ILE B 608 -0.41 30.79 4.77
CA ILE B 608 -0.24 29.99 3.55
C ILE B 608 -1.49 30.11 2.70
N GLU B 609 -2.68 30.00 3.30
CA GLU B 609 -3.94 30.25 2.59
C GLU B 609 -3.92 31.67 2.00
N ARG B 610 -3.40 32.66 2.74
CA ARG B 610 -3.36 34.01 2.26
C ARG B 610 -2.44 34.18 1.03
N GLU B 611 -1.31 33.48 1.04
CA GLU B 611 -0.43 33.58 -0.09
C GLU B 611 -1.02 32.89 -1.29
N LEU B 612 -1.78 31.83 -1.05
CA LEU B 612 -2.50 31.15 -2.11
C LEU B 612 -3.54 32.10 -2.77
N ARG B 613 -4.31 32.76 -1.92
CA ARG B 613 -5.34 33.71 -2.42
C ARG B 613 -4.60 34.87 -3.14
N ALA B 614 -3.48 35.32 -2.61
CA ALA B 614 -2.78 36.40 -3.28
C ALA B 614 -2.25 36.07 -4.65
N LEU B 615 -1.70 34.85 -4.82
CA LEU B 615 -1.16 34.42 -6.07
C LEU B 615 -2.33 34.29 -7.05
N LYS B 616 -3.41 33.67 -6.59
CA LYS B 616 -4.60 33.55 -7.44
C LYS B 616 -5.09 34.90 -7.95
N GLN B 617 -5.09 35.87 -7.04
CA GLN B 617 -5.51 37.22 -7.42
C GLN B 617 -4.58 37.89 -8.42
N ARG B 618 -3.26 37.75 -8.26
CA ARG B 618 -2.32 38.35 -9.19
C ARG B 618 -2.45 37.72 -10.58
N ILE B 619 -2.66 36.41 -10.61
CA ILE B 619 -2.92 35.68 -11.87
C ILE B 619 -4.22 36.19 -12.51
N SER B 620 -5.23 36.44 -11.69
CA SER B 620 -6.54 36.89 -12.26
C SER B 620 -6.43 38.24 -12.97
N GLN B 621 -5.47 39.07 -12.58
CA GLN B 621 -5.27 40.37 -13.17
C GLN B 621 -4.41 40.41 -14.43
N MET B 622 -3.88 39.26 -14.83
CA MET B 622 -3.14 39.12 -16.10
C MET B 622 -4.05 39.26 -17.32
MN MN C . -19.80 -13.35 -4.26
MN MN D . -33.90 10.41 6.13
NA NA E . -12.24 -36.22 -6.07
C1 OXD F . -19.41 -16.14 -4.70
C2 OXD F . -20.81 -15.85 -4.97
O3 OXD F . -19.02 -17.37 -4.56
O4 OXD F . -21.60 -16.82 -5.24
O5 OXD F . -18.59 -15.17 -4.53
O6 OXD F . -21.30 -14.70 -4.94
O10 1WD G . -23.22 -6.58 -18.77
C8 1WD G . -22.93 -7.12 -17.71
O9 1WD G . -22.34 -8.23 -17.67
C3 1WD G . -23.00 -6.35 -16.38
N4 1WD G . -22.90 -5.01 -16.38
C5 1WD G . -22.82 -4.29 -15.29
C6 1WD G . -22.92 -4.91 -14.02
C1 1WD G . -23.08 -6.28 -13.97
C2 1WD G . -23.11 -7.04 -15.15
S7 1WD G . -23.37 -8.81 -15.06
CL CL H . -19.78 -22.03 -3.85
MN MN I . 18.26 12.90 0.22
MN MN J . 3.27 36.05 10.60
NA NA K . 26.01 -9.75 -2.18
C1 OXD L . 18.68 10.15 -0.28
C2 OXD L . 17.29 10.46 -0.62
O3 OXD L . 19.10 8.93 -0.18
O4 OXD L . 16.59 9.46 -1.02
O5 OXD L . 19.47 11.09 -0.07
O6 OXD L . 16.90 11.68 -0.48
O10 1WD M . 15.10 19.90 -14.13
C8 1WD M . 15.54 19.35 -13.13
O9 1WD M . 16.25 18.35 -13.17
C3 1WD M . 15.47 20.10 -11.78
N4 1WD M . 15.54 21.45 -11.79
C5 1WD M . 15.57 22.15 -10.69
C6 1WD M . 15.44 21.51 -9.45
C1 1WD M . 15.31 20.14 -9.39
C2 1WD M . 15.35 19.39 -10.57
S7 1WD M . 15.12 17.58 -10.54
CL CL N . 18.29 4.29 0.26
#